data_1P4Y
# 
_entry.id   1P4Y 
# 
_audit_conform.dict_name       mmcif_pdbx.dic 
_audit_conform.dict_version    5.389 
_audit_conform.dict_location   http://mmcif.pdb.org/dictionaries/ascii/mmcif_pdbx.dic 
# 
loop_
_database_2.database_id 
_database_2.database_code 
_database_2.pdbx_database_accession 
_database_2.pdbx_DOI 
PDB   1P4Y         pdb_00001p4y 10.2210/pdb1p4y/pdb 
NDB   UD0028       ?            ?                   
RCSB  RCSB019012   ?            ?                   
WWPDB D_1000019012 ?            ?                   
# 
loop_
_pdbx_audit_revision_history.ordinal 
_pdbx_audit_revision_history.data_content_type 
_pdbx_audit_revision_history.major_revision 
_pdbx_audit_revision_history.minor_revision 
_pdbx_audit_revision_history.revision_date 
1 'Structure model' 1 0 2003-09-02 
2 'Structure model' 1 1 2008-04-29 
3 'Structure model' 1 2 2011-07-13 
4 'Structure model' 1 3 2024-02-14 
5 'Structure model' 1 4 2024-04-03 
# 
_pdbx_audit_revision_details.ordinal             1 
_pdbx_audit_revision_details.revision_ordinal    1 
_pdbx_audit_revision_details.data_content_type   'Structure model' 
_pdbx_audit_revision_details.provider            repository 
_pdbx_audit_revision_details.type                'Initial release' 
_pdbx_audit_revision_details.description         ? 
_pdbx_audit_revision_details.details             ? 
# 
loop_
_pdbx_audit_revision_group.ordinal 
_pdbx_audit_revision_group.revision_ordinal 
_pdbx_audit_revision_group.data_content_type 
_pdbx_audit_revision_group.group 
1 2 'Structure model' 'Version format compliance' 
2 3 'Structure model' 'Version format compliance' 
3 4 'Structure model' 'Data collection'           
4 4 'Structure model' 'Database references'       
5 4 'Structure model' 'Derived calculations'      
6 5 'Structure model' 'Refinement description'    
# 
loop_
_pdbx_audit_revision_category.ordinal 
_pdbx_audit_revision_category.revision_ordinal 
_pdbx_audit_revision_category.data_content_type 
_pdbx_audit_revision_category.category 
1 4 'Structure model' chem_comp_atom                
2 4 'Structure model' chem_comp_bond                
3 4 'Structure model' database_2                    
4 4 'Structure model' pdbx_struct_conn_angle        
5 4 'Structure model' struct_conn                   
6 4 'Structure model' struct_site                   
7 5 'Structure model' pdbx_initial_refinement_model 
# 
loop_
_pdbx_audit_revision_item.ordinal 
_pdbx_audit_revision_item.revision_ordinal 
_pdbx_audit_revision_item.data_content_type 
_pdbx_audit_revision_item.item 
1  4 'Structure model' '_database_2.pdbx_DOI'                        
2  4 'Structure model' '_database_2.pdbx_database_accession'         
3  4 'Structure model' '_pdbx_struct_conn_angle.ptnr1_auth_comp_id'  
4  4 'Structure model' '_pdbx_struct_conn_angle.ptnr1_auth_seq_id'   
5  4 'Structure model' '_pdbx_struct_conn_angle.ptnr1_label_asym_id' 
6  4 'Structure model' '_pdbx_struct_conn_angle.ptnr1_label_atom_id' 
7  4 'Structure model' '_pdbx_struct_conn_angle.ptnr1_label_comp_id' 
8  4 'Structure model' '_pdbx_struct_conn_angle.ptnr1_label_seq_id'  
9  4 'Structure model' '_pdbx_struct_conn_angle.ptnr2_auth_seq_id'   
10 4 'Structure model' '_pdbx_struct_conn_angle.ptnr2_label_asym_id' 
11 4 'Structure model' '_pdbx_struct_conn_angle.ptnr3_auth_comp_id'  
12 4 'Structure model' '_pdbx_struct_conn_angle.ptnr3_auth_seq_id'   
13 4 'Structure model' '_pdbx_struct_conn_angle.ptnr3_label_asym_id' 
14 4 'Structure model' '_pdbx_struct_conn_angle.ptnr3_label_atom_id' 
15 4 'Structure model' '_pdbx_struct_conn_angle.ptnr3_label_comp_id' 
16 4 'Structure model' '_pdbx_struct_conn_angle.ptnr3_label_seq_id'  
17 4 'Structure model' '_pdbx_struct_conn_angle.value'               
18 4 'Structure model' '_struct_conn.pdbx_dist_value'                
19 4 'Structure model' '_struct_conn.ptnr1_auth_asym_id'             
20 4 'Structure model' '_struct_conn.ptnr1_auth_comp_id'             
21 4 'Structure model' '_struct_conn.ptnr1_auth_seq_id'              
22 4 'Structure model' '_struct_conn.ptnr1_label_asym_id'            
23 4 'Structure model' '_struct_conn.ptnr1_label_atom_id'            
24 4 'Structure model' '_struct_conn.ptnr1_label_comp_id'            
25 4 'Structure model' '_struct_conn.ptnr1_label_seq_id'             
26 4 'Structure model' '_struct_conn.ptnr2_auth_asym_id'             
27 4 'Structure model' '_struct_conn.ptnr2_auth_comp_id'             
28 4 'Structure model' '_struct_conn.ptnr2_auth_seq_id'              
29 4 'Structure model' '_struct_conn.ptnr2_label_asym_id'            
30 4 'Structure model' '_struct_conn.ptnr2_label_atom_id'            
31 4 'Structure model' '_struct_conn.ptnr2_label_comp_id'            
32 4 'Structure model' '_struct_conn.ptnr2_label_seq_id'             
33 4 'Structure model' '_struct_site.pdbx_auth_asym_id'              
34 4 'Structure model' '_struct_site.pdbx_auth_comp_id'              
35 4 'Structure model' '_struct_site.pdbx_auth_seq_id'               
# 
_pdbx_database_status.status_code                     REL 
_pdbx_database_status.entry_id                        1P4Y 
_pdbx_database_status.recvd_initial_deposition_date   2003-04-24 
_pdbx_database_status.deposit_site                    RCSB 
_pdbx_database_status.process_site                    RCSB 
_pdbx_database_status.status_code_sf                  REL 
_pdbx_database_status.SG_entry                        . 
_pdbx_database_status.pdb_format_compatible           Y 
_pdbx_database_status.status_code_mr                  ? 
_pdbx_database_status.status_code_cs                  ? 
_pdbx_database_status.status_code_nmr_data            ? 
_pdbx_database_status.methods_development_category    ? 
# 
loop_
_pdbx_database_related.db_name 
_pdbx_database_related.db_id 
_pdbx_database_related.details 
_pdbx_database_related.content_type 
PDB 1P4Z 'Effect of Sequence on the Conformational Geometry of DNA Holliday Junctions' unspecified 
PDB 1P54 'Effect of Sequence on the Conformational Geometry of DNA Holliday Junctions' unspecified 
# 
loop_
_audit_author.name 
_audit_author.pdbx_ordinal 
'Hays, F.A.'     1 
'Vargason, J.M.' 2 
'Ho, P.S.'       3 
# 
_citation.id                        primary 
_citation.title                     'Effect of Sequence on the Conformation of DNA Holliday Junctions' 
_citation.journal_abbrev            Biochemistry 
_citation.journal_volume            42 
_citation.page_first                9586 
_citation.page_last                 9597 
_citation.year                      2003 
_citation.journal_id_ASTM           BICHAW 
_citation.country                   US 
_citation.journal_id_ISSN           0006-2960 
_citation.journal_id_CSD            0033 
_citation.book_publisher            ? 
_citation.pdbx_database_id_PubMed   12911300 
_citation.pdbx_database_id_DOI      10.1021/bi0346603 
# 
loop_
_citation_author.citation_id 
_citation_author.name 
_citation_author.ordinal 
_citation_author.identifier_ORCID 
primary 'Hays, F.A.'     1 ? 
primary 'Vargason, J.M.' 2 ? 
primary 'Ho, P.S.'       3 ? 
# 
loop_
_entity.id 
_entity.type 
_entity.src_method 
_entity.pdbx_description 
_entity.formula_weight 
_entity.pdbx_number_of_molecules 
_entity.pdbx_ec 
_entity.pdbx_mutation 
_entity.pdbx_fragment 
_entity.details 
1 polymer     syn "5'-D(*CP*CP*GP*GP*CP*GP*CP*CP*GP*G)-3'" 3046.980 2   ? ? ? ? 
2 non-polymer syn 'SODIUM ION'                             22.990   4   ? ? ? ? 
3 water       nat water                                    18.015   108 ? ? ? ? 
# 
_entity_poly.entity_id                      1 
_entity_poly.type                           polydeoxyribonucleotide 
_entity_poly.nstd_linkage                   no 
_entity_poly.nstd_monomer                   no 
_entity_poly.pdbx_seq_one_letter_code       '(DC)(DC)(DG)(DG)(DC)(DG)(DC)(DC)(DG)(DG)' 
_entity_poly.pdbx_seq_one_letter_code_can   CCGGCGCCGG 
_entity_poly.pdbx_strand_id                 A,B 
_entity_poly.pdbx_target_identifier         ? 
# 
loop_
_pdbx_entity_nonpoly.entity_id 
_pdbx_entity_nonpoly.name 
_pdbx_entity_nonpoly.comp_id 
2 'SODIUM ION' NA  
3 water        HOH 
# 
loop_
_entity_poly_seq.entity_id 
_entity_poly_seq.num 
_entity_poly_seq.mon_id 
_entity_poly_seq.hetero 
1 1  DC n 
1 2  DC n 
1 3  DG n 
1 4  DG n 
1 5  DC n 
1 6  DG n 
1 7  DC n 
1 8  DC n 
1 9  DG n 
1 10 DG n 
# 
_pdbx_entity_src_syn.entity_id              1 
_pdbx_entity_src_syn.pdbx_src_id            1 
_pdbx_entity_src_syn.pdbx_alt_source_flag   sample 
_pdbx_entity_src_syn.pdbx_beg_seq_num       ? 
_pdbx_entity_src_syn.pdbx_end_seq_num       ? 
_pdbx_entity_src_syn.organism_scientific    ? 
_pdbx_entity_src_syn.organism_common_name   ? 
_pdbx_entity_src_syn.ncbi_taxonomy_id       ? 
_pdbx_entity_src_syn.details                
;DNA was synthesized on an Applied Biosystems DNA synthesizer using phosphoramidite chemistry, with the trityl-protecting group left intact at the 5-terminal nucleotide, FOR SUBSEQUENT HPLC PURIFICATION, THEN DEPROTECTED BY TREATMENT WITH 3% ACETIC ACID FOR FIFTEEN MINUTES, NEUTRALIZED WITH AMMONIUM HYDROXIDE, AND DESALTED ON A SIGMA G-25 SEPHADEX COLUMN.
;
# 
loop_
_chem_comp.id 
_chem_comp.type 
_chem_comp.mon_nstd_flag 
_chem_comp.name 
_chem_comp.pdbx_synonyms 
_chem_comp.formula 
_chem_comp.formula_weight 
DC  'DNA linking' y "2'-DEOXYCYTIDINE-5'-MONOPHOSPHATE"  ? 'C9 H14 N3 O7 P'  307.197 
DG  'DNA linking' y "2'-DEOXYGUANOSINE-5'-MONOPHOSPHATE" ? 'C10 H14 N5 O7 P' 347.221 
HOH non-polymer   . WATER                                ? 'H2 O'            18.015  
NA  non-polymer   . 'SODIUM ION'                         ? 'Na 1'            22.990  
# 
loop_
_pdbx_poly_seq_scheme.asym_id 
_pdbx_poly_seq_scheme.entity_id 
_pdbx_poly_seq_scheme.seq_id 
_pdbx_poly_seq_scheme.mon_id 
_pdbx_poly_seq_scheme.ndb_seq_num 
_pdbx_poly_seq_scheme.pdb_seq_num 
_pdbx_poly_seq_scheme.auth_seq_num 
_pdbx_poly_seq_scheme.pdb_mon_id 
_pdbx_poly_seq_scheme.auth_mon_id 
_pdbx_poly_seq_scheme.pdb_strand_id 
_pdbx_poly_seq_scheme.pdb_ins_code 
_pdbx_poly_seq_scheme.hetero 
A 1 1  DC 1  1  1  DC C A . n 
A 1 2  DC 2  2  2  DC C A . n 
A 1 3  DG 3  3  3  DG G A . n 
A 1 4  DG 4  4  4  DG G A . n 
A 1 5  DC 5  5  5  DC C A . n 
A 1 6  DG 6  6  6  DG G A . n 
A 1 7  DC 7  7  7  DC C A . n 
A 1 8  DC 8  8  8  DC C A . n 
A 1 9  DG 9  9  9  DG G A . n 
A 1 10 DG 10 10 10 DG G A . n 
B 1 1  DC 1  11 11 DC C B . n 
B 1 2  DC 2  12 12 DC C B . n 
B 1 3  DG 3  13 13 DG G B . n 
B 1 4  DG 4  14 14 DG G B . n 
B 1 5  DC 5  15 15 DC C B . n 
B 1 6  DG 6  16 16 DG G B . n 
B 1 7  DC 7  17 17 DC C B . n 
B 1 8  DC 8  18 18 DC C B . n 
B 1 9  DG 9  19 19 DG G B . n 
B 1 10 DG 10 20 20 DG G B . n 
# 
loop_
_pdbx_nonpoly_scheme.asym_id 
_pdbx_nonpoly_scheme.entity_id 
_pdbx_nonpoly_scheme.mon_id 
_pdbx_nonpoly_scheme.ndb_seq_num 
_pdbx_nonpoly_scheme.pdb_seq_num 
_pdbx_nonpoly_scheme.auth_seq_num 
_pdbx_nonpoly_scheme.pdb_mon_id 
_pdbx_nonpoly_scheme.auth_mon_id 
_pdbx_nonpoly_scheme.pdb_strand_id 
_pdbx_nonpoly_scheme.pdb_ins_code 
C 2 NA  1  21  21  NA  N A . 
D 2 NA  1  36  36  NA  N A . 
E 2 NA  1  49  49  NA  N A . 
F 2 NA  1  55  55  NA  N B . 
G 3 HOH 1  22  22  HOH W A . 
G 3 HOH 2  24  24  HOH W A . 
G 3 HOH 3  25  25  HOH W A . 
G 3 HOH 4  26  26  HOH W A . 
G 3 HOH 5  27  27  HOH W A . 
G 3 HOH 6  32  32  HOH W A . 
G 3 HOH 7  33  33  HOH W A . 
G 3 HOH 8  34  34  HOH W A . 
G 3 HOH 9  37  37  HOH W A . 
G 3 HOH 10 38  38  HOH W A . 
G 3 HOH 11 39  39  HOH W A . 
G 3 HOH 12 41  41  HOH W A . 
G 3 HOH 13 43  43  HOH W A . 
G 3 HOH 14 46  46  HOH W A . 
G 3 HOH 15 47  47  HOH W A . 
G 3 HOH 16 48  48  HOH W A . 
G 3 HOH 17 51  51  HOH W A . 
G 3 HOH 18 54  54  HOH W A . 
G 3 HOH 19 56  56  HOH W A . 
G 3 HOH 20 58  58  HOH W A . 
G 3 HOH 21 59  59  HOH W A . 
G 3 HOH 22 62  62  HOH W A . 
G 3 HOH 23 67  67  HOH W A . 
G 3 HOH 24 70  70  HOH W A . 
G 3 HOH 25 71  71  HOH W A . 
G 3 HOH 26 72  72  HOH W A . 
G 3 HOH 27 78  78  HOH W A . 
G 3 HOH 28 80  80  HOH W A . 
G 3 HOH 29 81  81  HOH W A . 
G 3 HOH 30 82  82  HOH W A . 
G 3 HOH 31 84  84  HOH W A . 
G 3 HOH 32 85  85  HOH W A . 
G 3 HOH 33 86  86  HOH W A . 
G 3 HOH 34 87  87  HOH W A . 
G 3 HOH 35 88  88  HOH W A . 
G 3 HOH 36 90  90  HOH W A . 
G 3 HOH 37 95  95  HOH W A . 
G 3 HOH 38 97  97  HOH W A . 
G 3 HOH 39 98  98  HOH W A . 
G 3 HOH 40 101 101 HOH W A . 
G 3 HOH 41 103 103 HOH W A . 
G 3 HOH 42 105 105 HOH W A . 
G 3 HOH 43 107 107 HOH W A . 
G 3 HOH 44 109 109 HOH W A . 
G 3 HOH 45 110 110 HOH W A . 
G 3 HOH 46 115 115 HOH W A . 
G 3 HOH 47 116 116 HOH W A . 
G 3 HOH 48 119 119 HOH W A . 
G 3 HOH 49 120 120 HOH W A . 
G 3 HOH 50 121 121 HOH W A . 
G 3 HOH 51 122 122 HOH W A . 
G 3 HOH 52 123 123 HOH W A . 
G 3 HOH 53 125 125 HOH W A . 
G 3 HOH 54 127 127 HOH W A . 
G 3 HOH 55 130 130 HOH W A . 
G 3 HOH 56 131 131 HOH W A . 
G 3 HOH 57 132 132 HOH W A . 
H 3 HOH 1  23  23  HOH W B . 
H 3 HOH 2  28  28  HOH W B . 
H 3 HOH 3  29  29  HOH W B . 
H 3 HOH 4  30  30  HOH W B . 
H 3 HOH 5  31  31  HOH W B . 
H 3 HOH 6  35  35  HOH W B . 
H 3 HOH 7  40  40  HOH W B . 
H 3 HOH 8  42  42  HOH W B . 
H 3 HOH 9  44  44  HOH W B . 
H 3 HOH 10 45  45  HOH W B . 
H 3 HOH 11 50  50  HOH W B . 
H 3 HOH 12 52  52  HOH W B . 
H 3 HOH 13 53  53  HOH W B . 
H 3 HOH 14 57  57  HOH W B . 
H 3 HOH 15 60  60  HOH W B . 
H 3 HOH 16 61  61  HOH W B . 
H 3 HOH 17 63  63  HOH W B . 
H 3 HOH 18 64  64  HOH W B . 
H 3 HOH 19 65  65  HOH W B . 
H 3 HOH 20 66  66  HOH W B . 
H 3 HOH 21 68  68  HOH W B . 
H 3 HOH 22 69  69  HOH W B . 
H 3 HOH 23 73  73  HOH W B . 
H 3 HOH 24 74  74  HOH W B . 
H 3 HOH 25 75  75  HOH W B . 
H 3 HOH 26 76  76  HOH W B . 
H 3 HOH 27 77  77  HOH W B . 
H 3 HOH 28 79  79  HOH W B . 
H 3 HOH 29 83  83  HOH W B . 
H 3 HOH 30 89  89  HOH W B . 
H 3 HOH 31 91  91  HOH W B . 
H 3 HOH 32 92  92  HOH W B . 
H 3 HOH 33 93  93  HOH W B . 
H 3 HOH 34 94  94  HOH W B . 
H 3 HOH 35 96  96  HOH W B . 
H 3 HOH 36 99  99  HOH W B . 
H 3 HOH 37 100 100 HOH W B . 
H 3 HOH 38 102 102 HOH W B . 
H 3 HOH 39 104 104 HOH W B . 
H 3 HOH 40 106 106 HOH W B . 
H 3 HOH 41 108 108 HOH W B . 
H 3 HOH 42 111 111 HOH W B . 
H 3 HOH 43 112 112 HOH W B . 
H 3 HOH 44 113 113 HOH W B . 
H 3 HOH 45 114 114 HOH W B . 
H 3 HOH 46 117 117 HOH W B . 
H 3 HOH 47 118 118 HOH W B . 
H 3 HOH 48 124 124 HOH W B . 
H 3 HOH 49 126 126 HOH W B . 
H 3 HOH 50 128 128 HOH W B . 
H 3 HOH 51 129 129 HOH W B . 
# 
loop_
_software.name 
_software.classification 
_software.version 
_software.citation_id 
_software.pdbx_ordinal 
DENZO     'data reduction' .   ? 1 
SCALEPACK 'data scaling'   .   ? 2 
EPMR      phasing          .   ? 3 
CNS       refinement       1.0 ? 4 
# 
_cell.entry_id           1P4Y 
_cell.length_a           66.513 
_cell.length_b           24.179 
_cell.length_c           37.004 
_cell.angle_alpha        90.0 
_cell.angle_beta         110.010 
_cell.angle_gamma        90.0 
_cell.pdbx_unique_axis   ? 
_cell.Z_PDB              8 
# 
_symmetry.entry_id                         1P4Y 
_symmetry.space_group_name_H-M             'C 1 2 1' 
_symmetry.pdbx_full_space_group_name_H-M   ? 
_symmetry.Int_Tables_number                5 
_symmetry.cell_setting                     ? 
# 
_exptl.entry_id          1P4Y 
_exptl.method            'X-RAY DIFFRACTION' 
_exptl.crystals_number   1 
# 
_exptl_crystal.id                    1 
_exptl_crystal.density_meas          ? 
_exptl_crystal.density_Matthews      1.94 
_exptl_crystal.density_percent_sol   35.95 
_exptl_crystal.description           ? 
# 
_exptl_crystal_grow.crystal_id      1 
_exptl_crystal_grow.method          ? 
_exptl_crystal_grow.temp            298 
_exptl_crystal_grow.temp_details    ? 
_exptl_crystal_grow.pH              7.00 
_exptl_crystal_grow.pdbx_details    
;0.5mM DNA, 25mM sodium cacodylate, 7.5mM CaCl2, 0.1mM SPERMINE TETRAHYDROCHLORIDE, pH 7.0, VAPOR DIFFUSION, SITTING DROP, temperature 298K, pH 7.00
;
_exptl_crystal_grow.pdbx_pH_range   . 
# 
loop_
_exptl_crystal_grow_comp.crystal_id 
_exptl_crystal_grow_comp.id 
_exptl_crystal_grow_comp.sol_id 
_exptl_crystal_grow_comp.name 
_exptl_crystal_grow_comp.volume 
_exptl_crystal_grow_comp.conc 
_exptl_crystal_grow_comp.details 
1 1 1 'sodium cacodylate'           ? ? ? 
1 2 1 CaCl2                         ? ? ? 
1 3 1 'SPERMINE TETRAHYDROCHLORIDE' ? ? ? 
1 4 1 H2O                           ? ? ? 
1 5 2 'sodium cacodylate'           ? ? ? 
1 6 2 CaCl2                         ? ? ? 
1 7 2 'SPERMINE TETRAHYDROCHLORIDE' ? ? ? 
1 8 2 H2O                           ? ? ? 
# 
_diffrn.id                     1 
_diffrn.ambient_temp           103.0 
_diffrn.ambient_temp_details   ? 
_diffrn.crystal_id             1 
# 
_diffrn_detector.diffrn_id              1 
_diffrn_detector.detector               'IMAGE PLATE' 
_diffrn_detector.type                   'RIGAKU RAXIS IV' 
_diffrn_detector.pdbx_collection_date   2003-01-24 
_diffrn_detector.details                ? 
# 
_diffrn_radiation.diffrn_id                        1 
_diffrn_radiation.wavelength_id                    1 
_diffrn_radiation.pdbx_monochromatic_or_laue_m_l   M 
_diffrn_radiation.monochromator                    'NI FILTER' 
_diffrn_radiation.pdbx_diffrn_protocol             'SINGLE WAVELENGTH' 
_diffrn_radiation.pdbx_scattering_type             x-ray 
# 
_diffrn_radiation_wavelength.id           1 
_diffrn_radiation_wavelength.wavelength   1.542 
_diffrn_radiation_wavelength.wt           1.0 
# 
_diffrn_source.diffrn_id                   1 
_diffrn_source.source                      'ROTATING ANODE' 
_diffrn_source.type                        'RIGAKU RU300' 
_diffrn_source.pdbx_synchrotron_site       ? 
_diffrn_source.pdbx_synchrotron_beamline   ? 
_diffrn_source.pdbx_wavelength             1.542 
_diffrn_source.pdbx_wavelength_list        ? 
# 
_reflns.entry_id                     1P4Y 
_reflns.observed_criterion_sigma_I   0.000 
_reflns.observed_criterion_sigma_F   ? 
_reflns.d_resolution_low             22.550 
_reflns.d_resolution_high            1.650 
_reflns.number_obs                   4940 
_reflns.number_all                   ? 
_reflns.percent_possible_obs         74.0 
_reflns.pdbx_Rmerge_I_obs            0.048 
_reflns.pdbx_Rsym_value              ? 
_reflns.pdbx_netI_over_sigmaI        ? 
_reflns.B_iso_Wilson_estimate        1.6 
_reflns.pdbx_redundancy              ? 
_reflns.R_free_details               ? 
_reflns.pdbx_diffrn_id               1 
_reflns.pdbx_ordinal                 1 
# 
_reflns_shell.d_res_high             1.65 
_reflns_shell.d_res_low              1.71 
_reflns_shell.percent_possible_all   21.7 
_reflns_shell.Rmerge_I_obs           0.279 
_reflns_shell.pdbx_Rsym_value        ? 
_reflns_shell.meanI_over_sigI_obs    2.140 
_reflns_shell.pdbx_redundancy        ? 
_reflns_shell.percent_possible_obs   ? 
_reflns_shell.number_unique_all      ? 
_reflns_shell.pdbx_diffrn_id         ? 
_reflns_shell.pdbx_ordinal           1 
# 
_refine.entry_id                                 1P4Y 
_refine.ls_number_reflns_obs                     4436 
_refine.ls_number_reflns_all                     4940 
_refine.pdbx_ls_sigma_I                          ? 
_refine.pdbx_ls_sigma_F                          2.000 
_refine.pdbx_data_cutoff_high_absF               ? 
_refine.pdbx_data_cutoff_low_absF                ? 
_refine.pdbx_data_cutoff_high_rms_absF           ? 
_refine.ls_d_res_low                             22.50 
_refine.ls_d_res_high                            1.70 
_refine.ls_percent_reflns_obs                    77.1 
_refine.ls_R_factor_obs                          0.229 
_refine.ls_R_factor_all                          ? 
_refine.ls_R_factor_R_work                       0.229 
_refine.ls_R_factor_R_free                       0.26 
_refine.ls_R_factor_R_free_error                 0.012 
_refine.ls_R_factor_R_free_error_details         ? 
_refine.ls_percent_reflns_R_free                 10 
_refine.ls_number_reflns_R_free                  490 
_refine.ls_number_parameters                     ? 
_refine.ls_number_restraints                     ? 
_refine.occupancy_min                            ? 
_refine.occupancy_max                            ? 
_refine.correlation_coeff_Fo_to_Fc               ? 
_refine.correlation_coeff_Fo_to_Fc_free          ? 
_refine.B_iso_mean                               8.7 
_refine.aniso_B[1][1]                            ? 
_refine.aniso_B[2][2]                            ? 
_refine.aniso_B[3][3]                            ? 
_refine.aniso_B[1][2]                            ? 
_refine.aniso_B[1][3]                            ? 
_refine.aniso_B[2][3]                            ? 
_refine.solvent_model_details                    ? 
_refine.solvent_model_param_ksol                 ? 
_refine.solvent_model_param_bsol                 ? 
_refine.pdbx_solvent_vdw_probe_radii             ? 
_refine.pdbx_solvent_ion_probe_radii             ? 
_refine.pdbx_solvent_shrinkage_radii             ? 
_refine.pdbx_ls_cross_valid_method               THROUGHOUT 
_refine.details                                  ? 
_refine.pdbx_starting_model                      UD0008 
_refine.pdbx_method_to_determine_struct          'MOLECULAR REPLACEMENT' 
_refine.pdbx_isotropic_thermal_model             ? 
_refine.pdbx_stereochemistry_target_values       ? 
_refine.pdbx_stereochem_target_val_spec_case     ? 
_refine.pdbx_R_Free_selection_details            RANDOM 
_refine.pdbx_overall_ESU_R                       ? 
_refine.pdbx_overall_ESU_R_Free                  ? 
_refine.overall_SU_ML                            ? 
_refine.overall_SU_B                             ? 
_refine.ls_redundancy_reflns_obs                 ? 
_refine.overall_SU_R_Cruickshank_DPI             ? 
_refine.overall_SU_R_free                        ? 
_refine.pdbx_refine_id                           'X-RAY DIFFRACTION' 
_refine.pdbx_diffrn_id                           1 
_refine.pdbx_TLS_residual_ADP_flag               ? 
_refine.pdbx_overall_phase_error                 ? 
_refine.pdbx_overall_SU_R_free_Cruickshank_DPI   ? 
_refine.pdbx_overall_SU_R_Blow_DPI               ? 
_refine.pdbx_overall_SU_R_free_Blow_DPI          ? 
# 
_refine_analyze.entry_id                        1P4Y 
_refine_analyze.Luzzati_coordinate_error_obs    0.21 
_refine_analyze.Luzzati_sigma_a_obs             0.03 
_refine_analyze.Luzzati_d_res_low_obs           5.00 
_refine_analyze.Luzzati_coordinate_error_free   0.26 
_refine_analyze.Luzzati_sigma_a_free            0.10 
_refine_analyze.Luzzati_d_res_low_free          ? 
_refine_analyze.number_disordered_residues      ? 
_refine_analyze.occupancy_sum_hydrogen          ? 
_refine_analyze.occupancy_sum_non_hydrogen      ? 
_refine_analyze.pdbx_refine_id                  'X-RAY DIFFRACTION' 
# 
_refine_hist.pdbx_refine_id                   'X-RAY DIFFRACTION' 
_refine_hist.cycle_id                         LAST 
_refine_hist.pdbx_number_atoms_protein        0 
_refine_hist.pdbx_number_atoms_nucleic_acid   404 
_refine_hist.pdbx_number_atoms_ligand         4 
_refine_hist.number_atoms_solvent             108 
_refine_hist.number_atoms_total               516 
_refine_hist.d_res_high                       1.70 
_refine_hist.d_res_low                        22.50 
# 
loop_
_refine_ls_restr.type 
_refine_ls_restr.dev_ideal 
_refine_ls_restr.dev_ideal_target 
_refine_ls_restr.weight 
_refine_ls_restr.number 
_refine_ls_restr.pdbx_refine_id 
_refine_ls_restr.pdbx_restraint_function 
c_bond_d                0.007 ? ? ? 'X-RAY DIFFRACTION' ? 
c_bond_d_na             ?     ? ? ? 'X-RAY DIFFRACTION' ? 
c_bond_d_prot           ?     ? ? ? 'X-RAY DIFFRACTION' ? 
c_angle_d               ?     ? ? ? 'X-RAY DIFFRACTION' ? 
c_angle_d_na            ?     ? ? ? 'X-RAY DIFFRACTION' ? 
c_angle_d_prot          ?     ? ? ? 'X-RAY DIFFRACTION' ? 
c_angle_deg             1.2   ? ? ? 'X-RAY DIFFRACTION' ? 
c_angle_deg_na          ?     ? ? ? 'X-RAY DIFFRACTION' ? 
c_angle_deg_prot        ?     ? ? ? 'X-RAY DIFFRACTION' ? 
c_dihedral_angle_d      18.5  ? ? ? 'X-RAY DIFFRACTION' ? 
c_dihedral_angle_d_na   ?     ? ? ? 'X-RAY DIFFRACTION' ? 
c_dihedral_angle_d_prot ?     ? ? ? 'X-RAY DIFFRACTION' ? 
c_improper_angle_d      1.57  ? ? ? 'X-RAY DIFFRACTION' ? 
c_improper_angle_d_na   ?     ? ? ? 'X-RAY DIFFRACTION' ? 
c_improper_angle_d_prot ?     ? ? ? 'X-RAY DIFFRACTION' ? 
c_mcbond_it             ?     ? ? ? 'X-RAY DIFFRACTION' ? 
c_mcangle_it            ?     ? ? ? 'X-RAY DIFFRACTION' ? 
c_scbond_it             ?     ? ? ? 'X-RAY DIFFRACTION' ? 
c_scangle_it            ?     ? ? ? 'X-RAY DIFFRACTION' ? 
# 
_refine_ls_shell.pdbx_total_number_of_bins_used   6 
_refine_ls_shell.d_res_high                       1.7 
_refine_ls_shell.d_res_low                        1.81 
_refine_ls_shell.number_reflns_R_work             374 
_refine_ls_shell.R_factor_R_work                  0.209 
_refine_ls_shell.percent_reflns_obs               40.8 
_refine_ls_shell.R_factor_R_free                  0.285 
_refine_ls_shell.R_factor_R_free_error            0.046 
_refine_ls_shell.percent_reflns_R_free            9.4 
_refine_ls_shell.number_reflns_R_free             39 
_refine_ls_shell.redundancy_reflns_obs            ? 
_refine_ls_shell.pdbx_refine_id                   'X-RAY DIFFRACTION' 
_refine_ls_shell.number_reflns_all                ? 
_refine_ls_shell.R_factor_all                     ? 
# 
_struct.entry_id                  1P4Y 
_struct.title                     'Effect of Sequence on the Conformational Geometry of DNA Holliday Junctions' 
_struct.pdbx_model_details        ? 
_struct.pdbx_CASP_flag            ? 
_struct.pdbx_model_type_details   ? 
# 
_struct_keywords.entry_id        1P4Y 
_struct_keywords.pdbx_keywords   DNA 
_struct_keywords.text            'Holliday Junction, DNA Four-Way Junction, DNA' 
# 
loop_
_struct_asym.id 
_struct_asym.pdbx_blank_PDB_chainid_flag 
_struct_asym.pdbx_modified 
_struct_asym.entity_id 
_struct_asym.details 
A N N 1 ? 
B N N 1 ? 
C N N 2 ? 
D N N 2 ? 
E N N 2 ? 
F N N 2 ? 
G N N 3 ? 
H N N 3 ? 
# 
_struct_ref.id                         1 
_struct_ref.entity_id                  1 
_struct_ref.db_name                    PDB 
_struct_ref.db_code                    1P4Y 
_struct_ref.pdbx_db_accession          1P4Y 
_struct_ref.pdbx_db_isoform            ? 
_struct_ref.pdbx_seq_one_letter_code   ? 
_struct_ref.pdbx_align_begin           ? 
# 
loop_
_struct_ref_seq.align_id 
_struct_ref_seq.ref_id 
_struct_ref_seq.pdbx_PDB_id_code 
_struct_ref_seq.pdbx_strand_id 
_struct_ref_seq.seq_align_beg 
_struct_ref_seq.pdbx_seq_align_beg_ins_code 
_struct_ref_seq.seq_align_end 
_struct_ref_seq.pdbx_seq_align_end_ins_code 
_struct_ref_seq.pdbx_db_accession 
_struct_ref_seq.db_align_beg 
_struct_ref_seq.pdbx_db_align_beg_ins_code 
_struct_ref_seq.db_align_end 
_struct_ref_seq.pdbx_db_align_end_ins_code 
_struct_ref_seq.pdbx_auth_seq_align_beg 
_struct_ref_seq.pdbx_auth_seq_align_end 
1 1 1P4Y A 1 ? 10 ? 1P4Y 1  ? 10 ? 1  10 
2 1 1P4Y B 1 ? 10 ? 1P4Y 11 ? 20 ? 11 20 
# 
_pdbx_struct_assembly.id                   1 
_pdbx_struct_assembly.details              author_defined_assembly 
_pdbx_struct_assembly.method_details       ? 
_pdbx_struct_assembly.oligomeric_details   tetrameric 
_pdbx_struct_assembly.oligomeric_count     4 
# 
_pdbx_struct_assembly_gen.assembly_id       1 
_pdbx_struct_assembly_gen.oper_expression   1,2 
_pdbx_struct_assembly_gen.asym_id_list      A,B,C,D,E,F,G,H 
# 
loop_
_pdbx_struct_oper_list.id 
_pdbx_struct_oper_list.type 
_pdbx_struct_oper_list.name 
_pdbx_struct_oper_list.symmetry_operation 
_pdbx_struct_oper_list.matrix[1][1] 
_pdbx_struct_oper_list.matrix[1][2] 
_pdbx_struct_oper_list.matrix[1][3] 
_pdbx_struct_oper_list.vector[1] 
_pdbx_struct_oper_list.matrix[2][1] 
_pdbx_struct_oper_list.matrix[2][2] 
_pdbx_struct_oper_list.matrix[2][3] 
_pdbx_struct_oper_list.vector[2] 
_pdbx_struct_oper_list.matrix[3][1] 
_pdbx_struct_oper_list.matrix[3][2] 
_pdbx_struct_oper_list.matrix[3][3] 
_pdbx_struct_oper_list.vector[3] 
1 'identity operation'         1_555 x,y,z     1.0000000000  0.0000000000  0.0000000000  0.0000000000   0.0000000000  1.0000000000  0.0000000000 0.0000000000  0.0000000000  0.0000000000 1.0000000000 0.0000000000  
2 'crystal symmetry operation' 2_556 -x,y,-z+1 -0.9651503728 -0.0976778497 -0.2427834336 -14.0324109163 -0.0976778497 -0.7262248384 0.6804825654 -1.2645113905 -0.2427834336 0.6804825654 0.6913752111 -1.5054961972 
# 
_struct_biol.id                    1 
_struct_biol.details               
;THIS ENTRY CONTAINS THE CRYSTALLOGRAPHIC ASYMMETRIC UNIT WHICH CONSISTS OF TWO CHAINS A AND B.  THE FULL FOUR STRANDED HOLLIDAY JUNCTION STRUCTURE CAN BE GENERATED BY THE FOLLOWING: 
 
matrix=  
( -1.00000 -0.00046 -0.00015 ) 
( -0.00046  1.00000  0.00072 ) 
(  0.00015  0.00072 -1.00000 ) 
 
translation=  
(-12.65734 -0.02663 34.77174)
;
_struct_biol.pdbx_parent_biol_id   ? 
# 
loop_
_struct_conn.id 
_struct_conn.conn_type_id 
_struct_conn.pdbx_leaving_atom_flag 
_struct_conn.pdbx_PDB_id 
_struct_conn.ptnr1_label_asym_id 
_struct_conn.ptnr1_label_comp_id 
_struct_conn.ptnr1_label_seq_id 
_struct_conn.ptnr1_label_atom_id 
_struct_conn.pdbx_ptnr1_label_alt_id 
_struct_conn.pdbx_ptnr1_PDB_ins_code 
_struct_conn.pdbx_ptnr1_standard_comp_id 
_struct_conn.ptnr1_symmetry 
_struct_conn.ptnr2_label_asym_id 
_struct_conn.ptnr2_label_comp_id 
_struct_conn.ptnr2_label_seq_id 
_struct_conn.ptnr2_label_atom_id 
_struct_conn.pdbx_ptnr2_label_alt_id 
_struct_conn.pdbx_ptnr2_PDB_ins_code 
_struct_conn.ptnr1_auth_asym_id 
_struct_conn.ptnr1_auth_comp_id 
_struct_conn.ptnr1_auth_seq_id 
_struct_conn.ptnr2_auth_asym_id 
_struct_conn.ptnr2_auth_comp_id 
_struct_conn.ptnr2_auth_seq_id 
_struct_conn.ptnr2_symmetry 
_struct_conn.pdbx_ptnr3_label_atom_id 
_struct_conn.pdbx_ptnr3_label_seq_id 
_struct_conn.pdbx_ptnr3_label_comp_id 
_struct_conn.pdbx_ptnr3_label_asym_id 
_struct_conn.pdbx_ptnr3_label_alt_id 
_struct_conn.pdbx_ptnr3_PDB_ins_code 
_struct_conn.details 
_struct_conn.pdbx_dist_value 
_struct_conn.pdbx_value_order 
_struct_conn.pdbx_role 
metalc1  metalc ? ? A DC 1  "O5'" ? ? ? 1_555 D NA  .  NA ? ? A DC 1  A NA  36  1_555 ? ? ? ? ? ? ?            2.475 ? ? 
metalc2  metalc ? ? A DG 10 N3    ? ? ? 1_555 E NA  .  NA ? ? A DG 10 A NA  49  1_555 ? ? ? ? ? ? ?            2.945 ? ? 
metalc3  metalc ? ? C NA .  NA    ? ? ? 1_555 G HOH .  O  ? ? A NA 21 A HOH 24  1_555 ? ? ? ? ? ? ?            2.810 ? ? 
metalc4  metalc ? ? C NA .  NA    ? ? ? 1_555 G HOH .  O  ? ? A NA 21 A HOH 25  1_555 ? ? ? ? ? ? ?            2.470 ? ? 
metalc5  metalc ? ? C NA .  NA    ? ? ? 1_555 G HOH .  O  ? ? A NA 21 A HOH 56  1_555 ? ? ? ? ? ? ?            2.716 ? ? 
metalc6  metalc ? ? C NA .  NA    ? ? ? 1_555 G HOH .  O  ? ? A NA 21 A HOH 109 1_555 ? ? ? ? ? ? ?            2.476 ? ? 
metalc7  metalc ? ? D NA .  NA    ? ? ? 1_555 G HOH .  O  ? ? A NA 36 A HOH 82  1_555 ? ? ? ? ? ? ?            2.638 ? ? 
metalc8  metalc ? ? E NA .  NA    ? ? ? 1_555 G HOH .  O  ? ? A NA 49 A HOH 56  1_555 ? ? ? ? ? ? ?            2.560 ? ? 
metalc9  metalc ? ? B DG 9  "O4'" ? ? ? 1_555 F NA  .  NA ? ? B DG 19 B NA  55  1_555 ? ? ? ? ? ? ?            2.634 ? ? 
metalc10 metalc ? ? F NA .  NA    ? ? ? 1_555 H HOH .  O  ? ? B NA 55 B HOH 75  1_555 ? ? ? ? ? ? ?            2.806 ? ? 
hydrog1  hydrog ? ? A DC 1  N3    ? ? ? 1_555 B DG  10 N1 ? ? A DC 1  B DG  20  1_555 ? ? ? ? ? ? WATSON-CRICK ?     ? ? 
hydrog2  hydrog ? ? A DC 1  N4    ? ? ? 1_555 B DG  10 O6 ? ? A DC 1  B DG  20  1_555 ? ? ? ? ? ? WATSON-CRICK ?     ? ? 
hydrog3  hydrog ? ? A DC 1  O2    ? ? ? 1_555 B DG  10 N2 ? ? A DC 1  B DG  20  1_555 ? ? ? ? ? ? WATSON-CRICK ?     ? ? 
hydrog4  hydrog ? ? A DC 2  N3    ? ? ? 1_555 B DG  9  N1 ? ? A DC 2  B DG  19  1_555 ? ? ? ? ? ? WATSON-CRICK ?     ? ? 
hydrog5  hydrog ? ? A DC 2  N4    ? ? ? 1_555 B DG  9  O6 ? ? A DC 2  B DG  19  1_555 ? ? ? ? ? ? WATSON-CRICK ?     ? ? 
hydrog6  hydrog ? ? A DC 2  O2    ? ? ? 1_555 B DG  9  N2 ? ? A DC 2  B DG  19  1_555 ? ? ? ? ? ? WATSON-CRICK ?     ? ? 
hydrog7  hydrog ? ? A DG 3  N1    ? ? ? 1_555 B DC  8  N3 ? ? A DG 3  B DC  18  1_555 ? ? ? ? ? ? WATSON-CRICK ?     ? ? 
hydrog8  hydrog ? ? A DG 3  N2    ? ? ? 1_555 B DC  8  O2 ? ? A DG 3  B DC  18  1_555 ? ? ? ? ? ? WATSON-CRICK ?     ? ? 
hydrog9  hydrog ? ? A DG 3  O6    ? ? ? 1_555 B DC  8  N4 ? ? A DG 3  B DC  18  1_555 ? ? ? ? ? ? WATSON-CRICK ?     ? ? 
hydrog10 hydrog ? ? A DG 4  N1    ? ? ? 1_555 B DC  7  N3 ? ? A DG 4  B DC  17  1_555 ? ? ? ? ? ? WATSON-CRICK ?     ? ? 
hydrog11 hydrog ? ? A DG 4  N2    ? ? ? 1_555 B DC  7  O2 ? ? A DG 4  B DC  17  1_555 ? ? ? ? ? ? WATSON-CRICK ?     ? ? 
hydrog12 hydrog ? ? A DG 4  O6    ? ? ? 1_555 B DC  7  N4 ? ? A DG 4  B DC  17  1_555 ? ? ? ? ? ? WATSON-CRICK ?     ? ? 
hydrog13 hydrog ? ? A DC 5  N3    ? ? ? 1_555 B DG  6  N1 ? ? A DC 5  B DG  16  1_555 ? ? ? ? ? ? WATSON-CRICK ?     ? ? 
hydrog14 hydrog ? ? A DC 5  N4    ? ? ? 1_555 B DG  6  O6 ? ? A DC 5  B DG  16  1_555 ? ? ? ? ? ? WATSON-CRICK ?     ? ? 
hydrog15 hydrog ? ? A DC 5  O2    ? ? ? 1_555 B DG  6  N2 ? ? A DC 5  B DG  16  1_555 ? ? ? ? ? ? WATSON-CRICK ?     ? ? 
hydrog16 hydrog ? ? A DG 6  N1    ? ? ? 1_555 B DC  5  N3 ? ? A DG 6  B DC  15  1_555 ? ? ? ? ? ? WATSON-CRICK ?     ? ? 
hydrog17 hydrog ? ? A DG 6  N2    ? ? ? 1_555 B DC  5  O2 ? ? A DG 6  B DC  15  1_555 ? ? ? ? ? ? WATSON-CRICK ?     ? ? 
hydrog18 hydrog ? ? A DG 6  O6    ? ? ? 1_555 B DC  5  N4 ? ? A DG 6  B DC  15  1_555 ? ? ? ? ? ? WATSON-CRICK ?     ? ? 
# 
loop_
_struct_conn_type.id 
_struct_conn_type.criteria 
_struct_conn_type.reference 
metalc ? ? 
hydrog ? ? 
# 
loop_
_pdbx_struct_conn_angle.id 
_pdbx_struct_conn_angle.ptnr1_label_atom_id 
_pdbx_struct_conn_angle.ptnr1_label_alt_id 
_pdbx_struct_conn_angle.ptnr1_label_asym_id 
_pdbx_struct_conn_angle.ptnr1_label_comp_id 
_pdbx_struct_conn_angle.ptnr1_label_seq_id 
_pdbx_struct_conn_angle.ptnr1_auth_atom_id 
_pdbx_struct_conn_angle.ptnr1_auth_asym_id 
_pdbx_struct_conn_angle.ptnr1_auth_comp_id 
_pdbx_struct_conn_angle.ptnr1_auth_seq_id 
_pdbx_struct_conn_angle.ptnr1_PDB_ins_code 
_pdbx_struct_conn_angle.ptnr1_symmetry 
_pdbx_struct_conn_angle.ptnr2_label_atom_id 
_pdbx_struct_conn_angle.ptnr2_label_alt_id 
_pdbx_struct_conn_angle.ptnr2_label_asym_id 
_pdbx_struct_conn_angle.ptnr2_label_comp_id 
_pdbx_struct_conn_angle.ptnr2_label_seq_id 
_pdbx_struct_conn_angle.ptnr2_auth_atom_id 
_pdbx_struct_conn_angle.ptnr2_auth_asym_id 
_pdbx_struct_conn_angle.ptnr2_auth_comp_id 
_pdbx_struct_conn_angle.ptnr2_auth_seq_id 
_pdbx_struct_conn_angle.ptnr2_PDB_ins_code 
_pdbx_struct_conn_angle.ptnr2_symmetry 
_pdbx_struct_conn_angle.ptnr3_label_atom_id 
_pdbx_struct_conn_angle.ptnr3_label_alt_id 
_pdbx_struct_conn_angle.ptnr3_label_asym_id 
_pdbx_struct_conn_angle.ptnr3_label_comp_id 
_pdbx_struct_conn_angle.ptnr3_label_seq_id 
_pdbx_struct_conn_angle.ptnr3_auth_atom_id 
_pdbx_struct_conn_angle.ptnr3_auth_asym_id 
_pdbx_struct_conn_angle.ptnr3_auth_comp_id 
_pdbx_struct_conn_angle.ptnr3_auth_seq_id 
_pdbx_struct_conn_angle.ptnr3_PDB_ins_code 
_pdbx_struct_conn_angle.ptnr3_symmetry 
_pdbx_struct_conn_angle.value 
_pdbx_struct_conn_angle.value_esd 
1 "O5'" ? A DC  1  ? A DC  1  ? 1_555 NA ? D NA . ? A NA 36 ? 1_555 O ? G HOH . ? A HOH 82  ? 1_555 121.7 ? 
2 N3    ? A DG  10 ? A DG  10 ? 1_555 NA ? E NA . ? A NA 49 ? 1_555 O ? G HOH . ? A HOH 56  ? 1_555 101.5 ? 
3 O     ? G HOH .  ? A HOH 24 ? 1_555 NA ? C NA . ? A NA 21 ? 1_555 O ? G HOH . ? A HOH 25  ? 1_555 77.2  ? 
4 O     ? G HOH .  ? A HOH 24 ? 1_555 NA ? C NA . ? A NA 21 ? 1_555 O ? G HOH . ? A HOH 56  ? 1_555 83.5  ? 
5 O     ? G HOH .  ? A HOH 25 ? 1_555 NA ? C NA . ? A NA 21 ? 1_555 O ? G HOH . ? A HOH 56  ? 1_555 147.8 ? 
6 O     ? G HOH .  ? A HOH 24 ? 1_555 NA ? C NA . ? A NA 21 ? 1_555 O ? G HOH . ? A HOH 109 ? 1_555 134.8 ? 
7 O     ? G HOH .  ? A HOH 25 ? 1_555 NA ? C NA . ? A NA 21 ? 1_555 O ? G HOH . ? A HOH 109 ? 1_555 143.1 ? 
8 O     ? G HOH .  ? A HOH 56 ? 1_555 NA ? C NA . ? A NA 21 ? 1_555 O ? G HOH . ? A HOH 109 ? 1_555 66.6  ? 
9 "O4'" ? B DG  9  ? B DG  19 ? 1_555 NA ? F NA . ? B NA 55 ? 1_555 O ? H HOH . ? B HOH 75  ? 1_555 57.0  ? 
# 
loop_
_struct_site.id 
_struct_site.pdbx_evidence_code 
_struct_site.pdbx_auth_asym_id 
_struct_site.pdbx_auth_comp_id 
_struct_site.pdbx_auth_seq_id 
_struct_site.pdbx_auth_ins_code 
_struct_site.pdbx_num_residues 
_struct_site.details 
AC1 Software A NA 21 ? 6 'BINDING SITE FOR RESIDUE NA A 21' 
AC2 Software A NA 36 ? 4 'BINDING SITE FOR RESIDUE NA A 36' 
AC3 Software A NA 49 ? 3 'BINDING SITE FOR RESIDUE NA A 49' 
AC4 Software B NA 55 ? 2 'BINDING SITE FOR RESIDUE NA B 55' 
# 
loop_
_struct_site_gen.id 
_struct_site_gen.site_id 
_struct_site_gen.pdbx_num_res 
_struct_site_gen.label_comp_id 
_struct_site_gen.label_asym_id 
_struct_site_gen.label_seq_id 
_struct_site_gen.pdbx_auth_ins_code 
_struct_site_gen.auth_comp_id 
_struct_site_gen.auth_asym_id 
_struct_site_gen.auth_seq_id 
_struct_site_gen.label_atom_id 
_struct_site_gen.label_alt_id 
_struct_site_gen.symmetry 
_struct_site_gen.details 
1  AC1 6 HOH G .  ? HOH A 24  . ? 1_555 ? 
2  AC1 6 HOH G .  ? HOH A 25  . ? 1_555 ? 
3  AC1 6 NA  E .  ? NA  A 49  . ? 1_555 ? 
4  AC1 6 HOH G .  ? HOH A 56  . ? 1_555 ? 
5  AC1 6 HOH G .  ? HOH A 109 . ? 1_555 ? 
6  AC1 6 HOH H .  ? HOH B 76  . ? 2_556 ? 
7  AC2 4 DC  A 1  ? DC  A 1   . ? 1_555 ? 
8  AC2 4 DC  A 2  ? DC  A 2   . ? 1_555 ? 
9  AC2 4 HOH G .  ? HOH A 82  . ? 1_555 ? 
10 AC2 4 DG  B 4  ? DG  B 14  . ? 2_557 ? 
11 AC3 3 DG  A 10 ? DG  A 10  . ? 1_555 ? 
12 AC3 3 NA  C .  ? NA  A 21  . ? 1_555 ? 
13 AC3 3 HOH G .  ? HOH A 56  . ? 1_555 ? 
14 AC4 2 DG  B 9  ? DG  B 19  . ? 1_555 ? 
15 AC4 2 HOH H .  ? HOH B 75  . ? 1_555 ? 
# 
loop_
_chem_comp_atom.comp_id 
_chem_comp_atom.atom_id 
_chem_comp_atom.type_symbol 
_chem_comp_atom.pdbx_aromatic_flag 
_chem_comp_atom.pdbx_stereo_config 
_chem_comp_atom.pdbx_ordinal 
DC  OP3    O  N N 1  
DC  P      P  N N 2  
DC  OP1    O  N N 3  
DC  OP2    O  N N 4  
DC  "O5'"  O  N N 5  
DC  "C5'"  C  N N 6  
DC  "C4'"  C  N R 7  
DC  "O4'"  O  N N 8  
DC  "C3'"  C  N S 9  
DC  "O3'"  O  N N 10 
DC  "C2'"  C  N N 11 
DC  "C1'"  C  N R 12 
DC  N1     N  N N 13 
DC  C2     C  N N 14 
DC  O2     O  N N 15 
DC  N3     N  N N 16 
DC  C4     C  N N 17 
DC  N4     N  N N 18 
DC  C5     C  N N 19 
DC  C6     C  N N 20 
DC  HOP3   H  N N 21 
DC  HOP2   H  N N 22 
DC  "H5'"  H  N N 23 
DC  "H5''" H  N N 24 
DC  "H4'"  H  N N 25 
DC  "H3'"  H  N N 26 
DC  "HO3'" H  N N 27 
DC  "H2'"  H  N N 28 
DC  "H2''" H  N N 29 
DC  "H1'"  H  N N 30 
DC  H41    H  N N 31 
DC  H42    H  N N 32 
DC  H5     H  N N 33 
DC  H6     H  N N 34 
DG  OP3    O  N N 35 
DG  P      P  N N 36 
DG  OP1    O  N N 37 
DG  OP2    O  N N 38 
DG  "O5'"  O  N N 39 
DG  "C5'"  C  N N 40 
DG  "C4'"  C  N R 41 
DG  "O4'"  O  N N 42 
DG  "C3'"  C  N S 43 
DG  "O3'"  O  N N 44 
DG  "C2'"  C  N N 45 
DG  "C1'"  C  N R 46 
DG  N9     N  Y N 47 
DG  C8     C  Y N 48 
DG  N7     N  Y N 49 
DG  C5     C  Y N 50 
DG  C6     C  N N 51 
DG  O6     O  N N 52 
DG  N1     N  N N 53 
DG  C2     C  N N 54 
DG  N2     N  N N 55 
DG  N3     N  N N 56 
DG  C4     C  Y N 57 
DG  HOP3   H  N N 58 
DG  HOP2   H  N N 59 
DG  "H5'"  H  N N 60 
DG  "H5''" H  N N 61 
DG  "H4'"  H  N N 62 
DG  "H3'"  H  N N 63 
DG  "HO3'" H  N N 64 
DG  "H2'"  H  N N 65 
DG  "H2''" H  N N 66 
DG  "H1'"  H  N N 67 
DG  H8     H  N N 68 
DG  H1     H  N N 69 
DG  H21    H  N N 70 
DG  H22    H  N N 71 
HOH O      O  N N 72 
HOH H1     H  N N 73 
HOH H2     H  N N 74 
NA  NA     NA N N 75 
# 
loop_
_chem_comp_bond.comp_id 
_chem_comp_bond.atom_id_1 
_chem_comp_bond.atom_id_2 
_chem_comp_bond.value_order 
_chem_comp_bond.pdbx_aromatic_flag 
_chem_comp_bond.pdbx_stereo_config 
_chem_comp_bond.pdbx_ordinal 
DC  OP3   P      sing N N 1  
DC  OP3   HOP3   sing N N 2  
DC  P     OP1    doub N N 3  
DC  P     OP2    sing N N 4  
DC  P     "O5'"  sing N N 5  
DC  OP2   HOP2   sing N N 6  
DC  "O5'" "C5'"  sing N N 7  
DC  "C5'" "C4'"  sing N N 8  
DC  "C5'" "H5'"  sing N N 9  
DC  "C5'" "H5''" sing N N 10 
DC  "C4'" "O4'"  sing N N 11 
DC  "C4'" "C3'"  sing N N 12 
DC  "C4'" "H4'"  sing N N 13 
DC  "O4'" "C1'"  sing N N 14 
DC  "C3'" "O3'"  sing N N 15 
DC  "C3'" "C2'"  sing N N 16 
DC  "C3'" "H3'"  sing N N 17 
DC  "O3'" "HO3'" sing N N 18 
DC  "C2'" "C1'"  sing N N 19 
DC  "C2'" "H2'"  sing N N 20 
DC  "C2'" "H2''" sing N N 21 
DC  "C1'" N1     sing N N 22 
DC  "C1'" "H1'"  sing N N 23 
DC  N1    C2     sing N N 24 
DC  N1    C6     sing N N 25 
DC  C2    O2     doub N N 26 
DC  C2    N3     sing N N 27 
DC  N3    C4     doub N N 28 
DC  C4    N4     sing N N 29 
DC  C4    C5     sing N N 30 
DC  N4    H41    sing N N 31 
DC  N4    H42    sing N N 32 
DC  C5    C6     doub N N 33 
DC  C5    H5     sing N N 34 
DC  C6    H6     sing N N 35 
DG  OP3   P      sing N N 36 
DG  OP3   HOP3   sing N N 37 
DG  P     OP1    doub N N 38 
DG  P     OP2    sing N N 39 
DG  P     "O5'"  sing N N 40 
DG  OP2   HOP2   sing N N 41 
DG  "O5'" "C5'"  sing N N 42 
DG  "C5'" "C4'"  sing N N 43 
DG  "C5'" "H5'"  sing N N 44 
DG  "C5'" "H5''" sing N N 45 
DG  "C4'" "O4'"  sing N N 46 
DG  "C4'" "C3'"  sing N N 47 
DG  "C4'" "H4'"  sing N N 48 
DG  "O4'" "C1'"  sing N N 49 
DG  "C3'" "O3'"  sing N N 50 
DG  "C3'" "C2'"  sing N N 51 
DG  "C3'" "H3'"  sing N N 52 
DG  "O3'" "HO3'" sing N N 53 
DG  "C2'" "C1'"  sing N N 54 
DG  "C2'" "H2'"  sing N N 55 
DG  "C2'" "H2''" sing N N 56 
DG  "C1'" N9     sing N N 57 
DG  "C1'" "H1'"  sing N N 58 
DG  N9    C8     sing Y N 59 
DG  N9    C4     sing Y N 60 
DG  C8    N7     doub Y N 61 
DG  C8    H8     sing N N 62 
DG  N7    C5     sing Y N 63 
DG  C5    C6     sing N N 64 
DG  C5    C4     doub Y N 65 
DG  C6    O6     doub N N 66 
DG  C6    N1     sing N N 67 
DG  N1    C2     sing N N 68 
DG  N1    H1     sing N N 69 
DG  C2    N2     sing N N 70 
DG  C2    N3     doub N N 71 
DG  N2    H21    sing N N 72 
DG  N2    H22    sing N N 73 
DG  N3    C4     sing N N 74 
HOH O     H1     sing N N 75 
HOH O     H2     sing N N 76 
# 
_ndb_struct_conf_na.entry_id   1P4Y 
_ndb_struct_conf_na.feature    'b-form double helix' 
# 
loop_
_ndb_struct_na_base_pair.model_number 
_ndb_struct_na_base_pair.i_label_asym_id 
_ndb_struct_na_base_pair.i_label_comp_id 
_ndb_struct_na_base_pair.i_label_seq_id 
_ndb_struct_na_base_pair.i_symmetry 
_ndb_struct_na_base_pair.j_label_asym_id 
_ndb_struct_na_base_pair.j_label_comp_id 
_ndb_struct_na_base_pair.j_label_seq_id 
_ndb_struct_na_base_pair.j_symmetry 
_ndb_struct_na_base_pair.shear 
_ndb_struct_na_base_pair.stretch 
_ndb_struct_na_base_pair.stagger 
_ndb_struct_na_base_pair.buckle 
_ndb_struct_na_base_pair.propeller 
_ndb_struct_na_base_pair.opening 
_ndb_struct_na_base_pair.pair_number 
_ndb_struct_na_base_pair.pair_name 
_ndb_struct_na_base_pair.i_auth_asym_id 
_ndb_struct_na_base_pair.i_auth_seq_id 
_ndb_struct_na_base_pair.i_PDB_ins_code 
_ndb_struct_na_base_pair.j_auth_asym_id 
_ndb_struct_na_base_pair.j_auth_seq_id 
_ndb_struct_na_base_pair.j_PDB_ins_code 
_ndb_struct_na_base_pair.hbond_type_28 
_ndb_struct_na_base_pair.hbond_type_12 
1 A DC 1 1_555 B DG 10 1_555 0.293  -0.111 -0.028 -4.913  -7.931  0.007  1 A_DC1:DG20_B A 1 ? B 20 ? 19 1 
1 A DC 2 1_555 B DG 9  1_555 0.116  0.100  -0.281 1.298   -1.726  5.301  2 A_DC2:DG19_B A 2 ? B 19 ? 19 1 
1 A DG 3 1_555 B DC 8  1_555 -0.399 -0.179 0.153  2.223   5.867   -0.414 3 A_DG3:DC18_B A 3 ? B 18 ? 19 1 
1 A DG 4 1_555 B DC 7  1_555 -0.077 -0.140 0.368  -2.849  -25.438 -0.780 4 A_DG4:DC17_B A 4 ? B 17 ? 19 1 
1 A DC 5 1_555 B DG 6  1_555 -0.436 0.049  0.938  -21.163 6.011   -6.733 5 A_DC5:DG16_B A 5 ? B 16 ? 19 1 
1 A DG 6 1_555 B DC 5  1_555 -0.172 -0.138 0.100  -0.618  -11.453 -2.019 6 A_DG6:DC15_B A 6 ? B 15 ? 19 1 
# 
loop_
_ndb_struct_na_base_pair_step.model_number 
_ndb_struct_na_base_pair_step.i_label_asym_id_1 
_ndb_struct_na_base_pair_step.i_label_comp_id_1 
_ndb_struct_na_base_pair_step.i_label_seq_id_1 
_ndb_struct_na_base_pair_step.i_symmetry_1 
_ndb_struct_na_base_pair_step.j_label_asym_id_1 
_ndb_struct_na_base_pair_step.j_label_comp_id_1 
_ndb_struct_na_base_pair_step.j_label_seq_id_1 
_ndb_struct_na_base_pair_step.j_symmetry_1 
_ndb_struct_na_base_pair_step.i_label_asym_id_2 
_ndb_struct_na_base_pair_step.i_label_comp_id_2 
_ndb_struct_na_base_pair_step.i_label_seq_id_2 
_ndb_struct_na_base_pair_step.i_symmetry_2 
_ndb_struct_na_base_pair_step.j_label_asym_id_2 
_ndb_struct_na_base_pair_step.j_label_comp_id_2 
_ndb_struct_na_base_pair_step.j_label_seq_id_2 
_ndb_struct_na_base_pair_step.j_symmetry_2 
_ndb_struct_na_base_pair_step.shift 
_ndb_struct_na_base_pair_step.slide 
_ndb_struct_na_base_pair_step.rise 
_ndb_struct_na_base_pair_step.tilt 
_ndb_struct_na_base_pair_step.roll 
_ndb_struct_na_base_pair_step.twist 
_ndb_struct_na_base_pair_step.x_displacement 
_ndb_struct_na_base_pair_step.y_displacement 
_ndb_struct_na_base_pair_step.helical_rise 
_ndb_struct_na_base_pair_step.inclination 
_ndb_struct_na_base_pair_step.tip 
_ndb_struct_na_base_pair_step.helical_twist 
_ndb_struct_na_base_pair_step.step_number 
_ndb_struct_na_base_pair_step.step_name 
_ndb_struct_na_base_pair_step.i_auth_asym_id_1 
_ndb_struct_na_base_pair_step.i_auth_seq_id_1 
_ndb_struct_na_base_pair_step.i_PDB_ins_code_1 
_ndb_struct_na_base_pair_step.j_auth_asym_id_1 
_ndb_struct_na_base_pair_step.j_auth_seq_id_1 
_ndb_struct_na_base_pair_step.j_PDB_ins_code_1 
_ndb_struct_na_base_pair_step.i_auth_asym_id_2 
_ndb_struct_na_base_pair_step.i_auth_seq_id_2 
_ndb_struct_na_base_pair_step.i_PDB_ins_code_2 
_ndb_struct_na_base_pair_step.j_auth_asym_id_2 
_ndb_struct_na_base_pair_step.j_auth_seq_id_2 
_ndb_struct_na_base_pair_step.j_PDB_ins_code_2 
1 A DC 1 1_555 B DG 10 1_555 A DC 2 1_555 B DG 9 1_555 0.397  2.433 3.431 4.588  6.244  37.369 2.842  0.039  3.794 9.619  -7.068 
38.136 1 AA_DC1DC2:DG19DG20_BB A 1 ? B 20 ? A 2 ? B 19 ? 
1 A DC 2 1_555 B DG 9  1_555 A DG 3 1_555 B DC 8 1_555 -0.264 2.728 3.402 -3.669 -0.295 34.907 4.570  -0.135 3.389 -0.491 6.096  
35.095 2 AA_DC2DG3:DC18DG19_BB A 2 ? B 19 ? A 3 ? B 18 ? 
1 A DG 3 1_555 B DC 8  1_555 A DG 4 1_555 B DC 7 1_555 -1.195 1.809 3.664 -3.205 0.345  40.411 2.567  1.319  3.759 0.499  4.631  
40.534 3 AA_DG3DG4:DC17DC18_BB A 3 ? B 18 ? A 4 ? B 17 ? 
1 A DG 4 1_555 B DC 7  1_555 A DC 5 1_555 B DG 6 1_555 0.458  0.520 3.863 -5.310 -1.775 38.393 1.036  -1.447 3.742 -2.682 8.022  
38.783 4 AA_DG4DC5:DG16DC17_BB A 4 ? B 17 ? A 5 ? B 16 ? 
1 A DC 5 1_555 B DG 6  1_555 A DG 6 1_555 B DC 5 1_555 0.017  0.408 3.035 3.273  4.789  29.483 -0.136 0.598  3.045 9.296  -6.354 
30.035 5 AA_DC5DG6:DC15DG16_BB A 5 ? B 16 ? A 6 ? B 15 ? 
# 
_pdbx_initial_refinement_model.accession_code   1DCW 
_pdbx_initial_refinement_model.id               1 
_pdbx_initial_refinement_model.entity_id_list   ? 
_pdbx_initial_refinement_model.type             'experimental model' 
_pdbx_initial_refinement_model.source_name      PDB 
_pdbx_initial_refinement_model.details          UD0008 
# 
_atom_sites.entry_id                    1P4Y 
_atom_sites.fract_transf_matrix[1][1]   -0.00858698 
_atom_sites.fract_transf_matrix[1][2]   0.01205394 
_atom_sites.fract_transf_matrix[1][3]   -0.00608220 
_atom_sites.fract_transf_matrix[2][1]   -0.00545938 
_atom_sites.fract_transf_matrix[2][2]   0.01530177 
_atom_sites.fract_transf_matrix[2][3]   0.03803334 
_atom_sites.fract_transf_matrix[3][1]   0.01724094 
_atom_sites.fract_transf_matrix[3][2]   0.02210618 
_atom_sites.fract_transf_matrix[3][3]   -0.00641907 
_atom_sites.fract_transf_vector[1]      -0.057210 
_atom_sites.fract_transf_vector[2]      0.007648 
_atom_sites.fract_transf_vector[3]      0.630106 
# 
loop_
_atom_type.symbol 
C  
N  
NA 
O  
P  
# 
loop_
_atom_site.group_PDB 
_atom_site.id 
_atom_site.type_symbol 
_atom_site.label_atom_id 
_atom_site.label_alt_id 
_atom_site.label_comp_id 
_atom_site.label_asym_id 
_atom_site.label_entity_id 
_atom_site.label_seq_id 
_atom_site.pdbx_PDB_ins_code 
_atom_site.Cartn_x 
_atom_site.Cartn_y 
_atom_site.Cartn_z 
_atom_site.occupancy 
_atom_site.B_iso_or_equiv 
_atom_site.pdbx_formal_charge 
_atom_site.auth_seq_id 
_atom_site.auth_comp_id 
_atom_site.auth_asym_id 
_atom_site.auth_atom_id 
_atom_site.pdbx_PDB_model_num 
ATOM   1   O  "O5'" . DC  A 1 1  ? 16.288  1.136   -1.945  1.00 5.30  ? 1   DC  A "O5'" 1 
ATOM   2   C  "C5'" . DC  A 1 1  ? 17.480  0.899   -2.667  1.00 5.14  ? 1   DC  A "C5'" 1 
ATOM   3   C  "C4'" . DC  A 1 1  ? 17.309  -0.461  -3.286  1.00 5.35  ? 1   DC  A "C4'" 1 
ATOM   4   O  "O4'" . DC  A 1 1  ? 17.204  -1.442  -2.227  1.00 5.06  ? 1   DC  A "O4'" 1 
ATOM   5   C  "C3'" . DC  A 1 1  ? 16.017  -0.558  -4.094  1.00 5.42  ? 1   DC  A "C3'" 1 
ATOM   6   O  "O3'" . DC  A 1 1  ? 16.260  -1.348  -5.250  1.00 5.82  ? 1   DC  A "O3'" 1 
ATOM   7   C  "C2'" . DC  A 1 1  ? 15.056  -1.253  -3.142  1.00 5.42  ? 1   DC  A "C2'" 1 
ATOM   8   C  "C1'" . DC  A 1 1  ? 16.006  -2.177  -2.396  1.00 5.52  ? 1   DC  A "C1'" 1 
ATOM   9   N  N1    . DC  A 1 1  ? 15.564  -2.665  -1.079  1.00 5.64  ? 1   DC  A N1    1 
ATOM   10  C  C2    . DC  A 1 1  ? 14.729  -3.770  -1.045  1.00 5.77  ? 1   DC  A C2    1 
ATOM   11  O  O2    . DC  A 1 1  ? 14.355  -4.243  -2.118  1.00 6.06  ? 1   DC  A O2    1 
ATOM   12  N  N3    . DC  A 1 1  ? 14.352  -4.283  0.151   1.00 5.78  ? 1   DC  A N3    1 
ATOM   13  C  C4    . DC  A 1 1  ? 14.780  -3.712  1.282   1.00 5.72  ? 1   DC  A C4    1 
ATOM   14  N  N4    . DC  A 1 1  ? 14.417  -4.256  2.444   1.00 6.12  ? 1   DC  A N4    1 
ATOM   15  C  C5    . DC  A 1 1  ? 15.608  -2.557  1.270   1.00 5.88  ? 1   DC  A C5    1 
ATOM   16  C  C6    . DC  A 1 1  ? 15.971  -2.071  0.077   1.00 5.80  ? 1   DC  A C6    1 
ATOM   17  P  P     . DC  A 1 2  ? 16.341  -0.653  -6.698  1.00 5.91  ? 2   DC  A P     1 
ATOM   18  O  OP1   . DC  A 1 2  ? 16.836  -1.682  -7.643  1.00 6.07  ? 2   DC  A OP1   1 
ATOM   19  O  OP2   . DC  A 1 2  ? 16.978  0.676   -6.653  1.00 6.65  ? 2   DC  A OP2   1 
ATOM   20  O  "O5'" . DC  A 1 2  ? 14.807  -0.408  -7.048  1.00 6.63  ? 2   DC  A "O5'" 1 
ATOM   21  C  "C5'" . DC  A 1 2  ? 13.951  -1.497  -7.382  1.00 6.93  ? 2   DC  A "C5'" 1 
ATOM   22  C  "C4'" . DC  A 1 2  ? 12.519  -1.153  -7.049  1.00 7.34  ? 2   DC  A "C4'" 1 
ATOM   23  O  "O4'" . DC  A 1 2  ? 12.242  -1.328  -5.641  1.00 7.60  ? 2   DC  A "O4'" 1 
ATOM   24  C  "C3'" . DC  A 1 2  ? 12.100  0.281   -7.388  1.00 7.99  ? 2   DC  A "C3'" 1 
ATOM   25  O  "O3'" . DC  A 1 2  ? 10.796  0.287   -7.958  1.00 8.81  ? 2   DC  A "O3'" 1 
ATOM   26  C  "C2'" . DC  A 1 2  ? 12.055  0.966   -6.041  1.00 7.75  ? 2   DC  A "C2'" 1 
ATOM   27  C  "C1'" . DC  A 1 2  ? 11.577  -0.169  -5.150  1.00 7.53  ? 2   DC  A "C1'" 1 
ATOM   28  N  N1    . DC  A 1 2  ? 11.935  -0.017  -3.740  1.00 7.38  ? 2   DC  A N1    1 
ATOM   29  C  C2    . DC  A 1 2  ? 11.512  -0.985  -2.844  1.00 7.24  ? 2   DC  A C2    1 
ATOM   30  O  O2    . DC  A 1 2  ? 10.800  -1.896  -3.257  1.00 7.32  ? 2   DC  A O2    1 
ATOM   31  N  N3    . DC  A 1 2  ? 11.886  -0.900  -1.550  1.00 7.16  ? 2   DC  A N3    1 
ATOM   32  C  C4    . DC  A 1 2  ? 12.648  0.120   -1.146  1.00 7.10  ? 2   DC  A C4    1 
ATOM   33  N  N4    . DC  A 1 2  ? 13.039  0.138   0.125   1.00 6.98  ? 2   DC  A N4    1 
ATOM   34  C  C5    . DC  A 1 2  ? 13.057  1.154   -2.036  1.00 6.95  ? 2   DC  A C5    1 
ATOM   35  C  C6    . DC  A 1 2  ? 12.681  1.045   -3.313  1.00 7.14  ? 2   DC  A C6    1 
ATOM   36  P  P     . DG  A 1 3  ? 10.648  0.467   -9.547  1.00 9.26  ? 3   DG  A P     1 
ATOM   37  O  OP1   . DG  A 1 3  ? 11.481  -0.621  -10.139 1.00 9.62  ? 3   DG  A OP1   1 
ATOM   38  O  OP2   . DG  A 1 3  ? 10.909  1.892   -9.928  1.00 9.64  ? 3   DG  A OP2   1 
ATOM   39  O  "O5'" . DG  A 1 3  ? 9.129   0.098   -9.827  1.00 9.92  ? 3   DG  A "O5'" 1 
ATOM   40  C  "C5'" . DG  A 1 3  ? 8.728   -1.272  -9.831  1.00 10.35 ? 3   DG  A "C5'" 1 
ATOM   41  C  "C4'" . DG  A 1 3  ? 7.537   -1.480  -8.924  1.00 10.75 ? 3   DG  A "C4'" 1 
ATOM   42  O  "O4'" . DG  A 1 3  ? 7.855   -1.188  -7.535  1.00 10.62 ? 3   DG  A "O4'" 1 
ATOM   43  C  "C3'" . DG  A 1 3  ? 6.338   -0.597  -9.262  1.00 11.26 ? 3   DG  A "C3'" 1 
ATOM   44  O  "O3'" . DG  A 1 3  ? 5.169   -1.351  -8.950  1.00 11.97 ? 3   DG  A "O3'" 1 
ATOM   45  C  "C2'" . DG  A 1 3  ? 6.489   0.553   -8.279  1.00 10.86 ? 3   DG  A "C2'" 1 
ATOM   46  C  "C1'" . DG  A 1 3  ? 6.948   -0.195  -7.050  1.00 10.43 ? 3   DG  A "C1'" 1 
ATOM   47  N  N9    . DG  A 1 3  ? 7.638   0.599   -6.040  1.00 10.31 ? 3   DG  A N9    1 
ATOM   48  C  C8    . DG  A 1 3  ? 8.406   1.719   -6.241  1.00 10.18 ? 3   DG  A C8    1 
ATOM   49  N  N7    . DG  A 1 3  ? 8.965   2.156   -5.148  1.00 10.08 ? 3   DG  A N7    1 
ATOM   50  C  C5    . DG  A 1 3  ? 8.528   1.290   -4.163  1.00 10.08 ? 3   DG  A C5    1 
ATOM   51  C  C6    . DG  A 1 3  ? 8.836   1.252   -2.779  1.00 10.06 ? 3   DG  A C6    1 
ATOM   52  O  O6    . DG  A 1 3  ? 9.602   1.989   -2.142  1.00 10.33 ? 3   DG  A O6    1 
ATOM   53  N  N1    . DG  A 1 3  ? 8.168   0.219   -2.133  1.00 9.99  ? 3   DG  A N1    1 
ATOM   54  C  C2    . DG  A 1 3  ? 7.327   -0.676  -2.747  1.00 10.02 ? 3   DG  A C2    1 
ATOM   55  N  N2    . DG  A 1 3  ? 6.768   -1.586  -1.952  1.00 10.11 ? 3   DG  A N2    1 
ATOM   56  N  N3    . DG  A 1 3  ? 7.051   -0.670  -4.049  1.00 10.17 ? 3   DG  A N3    1 
ATOM   57  C  C4    . DG  A 1 3  ? 7.686   0.336   -4.689  1.00 10.12 ? 3   DG  A C4    1 
ATOM   58  P  P     . DG  A 1 4  ? 4.256   -1.968  -10.130 1.00 12.41 ? 4   DG  A P     1 
ATOM   59  O  OP1   . DG  A 1 4  ? 5.091   -2.871  -10.949 1.00 12.72 ? 4   DG  A OP1   1 
ATOM   60  O  OP2   . DG  A 1 4  ? 3.531   -0.867  -10.787 1.00 12.38 ? 4   DG  A OP2   1 
ATOM   61  O  "O5'" . DG  A 1 4  ? 3.212   -2.866  -9.331  1.00 12.23 ? 4   DG  A "O5'" 1 
ATOM   62  C  "C5'" . DG  A 1 4  ? 3.603   -4.105  -8.723  1.00 12.22 ? 4   DG  A "C5'" 1 
ATOM   63  C  "C4'" . DG  A 1 4  ? 2.935   -4.268  -7.374  1.00 11.97 ? 4   DG  A "C4'" 1 
ATOM   64  O  "O4'" . DG  A 1 4  ? 3.438   -3.246  -6.483  1.00 12.03 ? 4   DG  A "O4'" 1 
ATOM   65  C  "C3'" . DG  A 1 4  ? 1.406   -4.154  -7.332  1.00 11.92 ? 4   DG  A "C3'" 1 
ATOM   66  O  "O3'" . DG  A 1 4  ? 0.886   -5.124  -6.414  1.00 11.71 ? 4   DG  A "O3'" 1 
ATOM   67  C  "C2'" . DG  A 1 4  ? 1.171   -2.738  -6.815  1.00 12.14 ? 4   DG  A "C2'" 1 
ATOM   68  C  "C1'" . DG  A 1 4  ? 2.362   -2.529  -5.891  1.00 11.88 ? 4   DG  A "C1'" 1 
ATOM   69  N  N9    . DG  A 1 4  ? 2.817   -1.151  -5.730  1.00 11.81 ? 4   DG  A N9    1 
ATOM   70  C  C8    . DG  A 1 4  ? 2.971   -0.209  -6.714  1.00 11.64 ? 4   DG  A C8    1 
ATOM   71  N  N7    . DG  A 1 4  ? 3.512   0.898   -6.284  1.00 11.49 ? 4   DG  A N7    1 
ATOM   72  C  C5    . DG  A 1 4  ? 3.698   0.686   -4.928  1.00 11.51 ? 4   DG  A C5    1 
ATOM   73  C  C6    . DG  A 1 4  ? 4.262   1.526   -3.934  1.00 11.42 ? 4   DG  A C6    1 
ATOM   74  O  O6    . DG  A 1 4  ? 4.720   2.666   -4.060  1.00 11.61 ? 4   DG  A O6    1 
ATOM   75  N  N1    . DG  A 1 4  ? 4.265   0.909   -2.679  1.00 11.31 ? 4   DG  A N1    1 
ATOM   76  C  C2    . DG  A 1 4  ? 3.770   -0.352  -2.419  1.00 11.34 ? 4   DG  A C2    1 
ATOM   77  N  N2    . DG  A 1 4  ? 3.840   -0.767  -1.147  1.00 11.18 ? 4   DG  A N2    1 
ATOM   78  N  N3    . DG  A 1 4  ? 3.242   -1.145  -3.342  1.00 11.34 ? 4   DG  A N3    1 
ATOM   79  C  C4    . DG  A 1 4  ? 3.244   -0.566  -4.563  1.00 11.55 ? 4   DG  A C4    1 
ATOM   80  P  P     . DC  A 1 5  ? -0.689  -5.478  -6.421  1.00 11.47 ? 5   DC  A P     1 
ATOM   81  O  OP1   . DC  A 1 5  ? -0.830  -6.941  -6.333  1.00 11.28 ? 5   DC  A OP1   1 
ATOM   82  O  OP2   . DC  A 1 5  ? -1.345  -4.724  -7.520  1.00 11.29 ? 5   DC  A OP2   1 
ATOM   83  O  "O5'" . DC  A 1 5  ? -1.200  -4.858  -5.056  1.00 10.79 ? 5   DC  A "O5'" 1 
ATOM   84  C  "C5'" . DC  A 1 5  ? -0.536  -5.162  -3.847  1.00 10.14 ? 5   DC  A "C5'" 1 
ATOM   85  C  "C4'" . DC  A 1 5  ? -0.961  -4.184  -2.782  1.00 9.56  ? 5   DC  A "C4'" 1 
ATOM   86  O  "O4'" . DC  A 1 5  ? -0.232  -2.944  -2.896  1.00 9.91  ? 5   DC  A "O4'" 1 
ATOM   87  C  "C3'" . DC  A 1 5  ? -2.447  -3.834  -2.856  1.00 9.04  ? 5   DC  A "C3'" 1 
ATOM   88  O  "O3'" . DC  A 1 5  ? -3.055  -4.148  -1.627  1.00 7.49  ? 5   DC  A "O3'" 1 
ATOM   89  C  "C2'" . DC  A 1 5  ? -2.479  -2.335  -3.098  1.00 9.27  ? 5   DC  A "C2'" 1 
ATOM   90  C  "C1'" . DC  A 1 5  ? -1.112  -1.856  -2.638  1.00 10.02 ? 5   DC  A "C1'" 1 
ATOM   91  N  N1    . DC  A 1 5  ? -0.626  -0.672  -3.381  1.00 10.48 ? 5   DC  A N1    1 
ATOM   92  C  C2    . DC  A 1 5  ? -0.256  0.482   -2.660  1.00 10.53 ? 5   DC  A C2    1 
ATOM   93  O  O2    . DC  A 1 5  ? -0.368  0.478   -1.422  1.00 10.73 ? 5   DC  A O2    1 
ATOM   94  N  N3    . DC  A 1 5  ? 0.202   1.569   -3.326  1.00 10.77 ? 5   DC  A N3    1 
ATOM   95  C  C4    . DC  A 1 5  ? 0.271   1.557   -4.661  1.00 10.75 ? 5   DC  A C4    1 
ATOM   96  N  N4    . DC  A 1 5  ? 0.703   2.665   -5.276  1.00 10.70 ? 5   DC  A N4    1 
ATOM   97  C  C5    . DC  A 1 5  ? -0.107  0.405   -5.427  1.00 10.78 ? 5   DC  A C5    1 
ATOM   98  C  C6    . DC  A 1 5  ? -0.540  -0.682  -4.751  1.00 10.72 ? 5   DC  A C6    1 
ATOM   99  P  P     . DG  A 1 6  ? -4.630  -4.005  -1.457  1.00 6.69  ? 6   DG  A P     1 
ATOM   100 O  OP1   . DG  A 1 6  ? -5.140  -5.227  -0.774  1.00 5.98  ? 6   DG  A OP1   1 
ATOM   101 O  OP2   . DG  A 1 6  ? -5.263  -3.557  -2.737  1.00 6.36  ? 6   DG  A OP2   1 
ATOM   102 O  "O5'" . DG  A 1 6  ? -4.717  -2.816  -0.424  1.00 5.31  ? 6   DG  A "O5'" 1 
ATOM   103 C  "C5'" . DG  A 1 6  ? -3.846  -2.796  0.686   1.00 4.05  ? 6   DG  A "C5'" 1 
ATOM   104 C  "C4'" . DG  A 1 6  ? -3.877  -1.437  1.325   1.00 3.22  ? 6   DG  A "C4'" 1 
ATOM   105 O  "O4'" . DG  A 1 6  ? -3.188  -0.511  0.460   1.00 2.12  ? 6   DG  A "O4'" 1 
ATOM   106 C  "C3'" . DG  A 1 6  ? -5.289  -0.889  1.543   1.00 2.95  ? 6   DG  A "C3'" 1 
ATOM   107 O  "O3'" . DG  A 1 6  ? -5.384  -0.367  2.862   1.00 3.40  ? 6   DG  A "O3'" 1 
ATOM   108 C  "C2'" . DG  A 1 6  ? -5.425  0.211   0.499   1.00 2.77  ? 6   DG  A "C2'" 1 
ATOM   109 C  "C1'" . DG  A 1 6  ? -3.978  0.661   0.318   1.00 2.35  ? 6   DG  A "C1'" 1 
ATOM   110 N  N9    . DG  A 1 6  ? -3.665  1.242   -0.980  1.00 1.83  ? 6   DG  A N9    1 
ATOM   111 C  C8    . DG  A 1 6  ? -4.071  0.794   -2.209  1.00 1.65  ? 6   DG  A C8    1 
ATOM   112 N  N7    . DG  A 1 6  ? -3.661  1.550   -3.188  1.00 1.60  ? 6   DG  A N7    1 
ATOM   113 C  C5    . DG  A 1 6  ? -2.927  2.550   -2.566  1.00 1.52  ? 6   DG  A C5    1 
ATOM   114 C  C6    . DG  A 1 6  ? -2.233  3.662   -3.111  1.00 1.52  ? 6   DG  A C6    1 
ATOM   115 O  O6    . DG  A 1 6  ? -2.075  3.974   -4.287  1.00 1.72  ? 6   DG  A O6    1 
ATOM   116 N  N1    . DG  A 1 6  ? -1.667  4.438   -2.125  1.00 1.22  ? 6   DG  A N1    1 
ATOM   117 C  C2    . DG  A 1 6  ? -1.717  4.182   -0.787  1.00 1.45  ? 6   DG  A C2    1 
ATOM   118 N  N2    . DG  A 1 6  ? -1.118  5.068   -0.008  1.00 1.00  ? 6   DG  A N2    1 
ATOM   119 N  N3    . DG  A 1 6  ? -2.320  3.136   -0.260  1.00 1.52  ? 6   DG  A N3    1 
ATOM   120 C  C4    . DG  A 1 6  ? -2.915  2.372   -1.206  1.00 1.50  ? 6   DG  A C4    1 
ATOM   121 P  P     . DC  A 1 7  ? -5.546  -1.388  4.092   1.00 3.72  ? 7   DC  A P     1 
ATOM   122 O  OP1   . DC  A 1 7  ? -5.081  -0.663  5.305   1.00 3.91  ? 7   DC  A OP1   1 
ATOM   123 O  OP2   . DC  A 1 7  ? -4.874  -2.649  3.700   1.00 4.01  ? 7   DC  A OP2   1 
ATOM   124 O  "O5'" . DC  A 1 7  ? -7.114  -1.631  4.176   1.00 3.39  ? 7   DC  A "O5'" 1 
ATOM   125 C  "C5'" . DC  A 1 7  ? -8.025  -0.531  4.128   1.00 3.10  ? 7   DC  A "C5'" 1 
ATOM   126 C  "C4'" . DC  A 1 7  ? -9.423  -1.025  4.400   1.00 2.83  ? 7   DC  A "C4'" 1 
ATOM   127 O  "O4'" . DC  A 1 7  ? -9.762  -1.926  3.318   1.00 2.34  ? 7   DC  A "O4'" 1 
ATOM   128 C  "C3'" . DC  A 1 7  ? -9.537  -1.836  5.694   1.00 3.04  ? 7   DC  A "C3'" 1 
ATOM   129 O  "O3'" . DC  A 1 7  ? -10.841 -1.660  6.263   1.00 3.55  ? 7   DC  A "O3'" 1 
ATOM   130 C  "C2'" . DC  A 1 7  ? -9.349  -3.265  5.215   1.00 2.54  ? 7   DC  A "C2'" 1 
ATOM   131 C  "C1'" . DC  A 1 7  ? -9.954  -3.229  3.818   1.00 2.64  ? 7   DC  A "C1'" 1 
ATOM   132 N  N1    . DC  A 1 7  ? -9.379  -4.178  2.856   1.00 2.24  ? 7   DC  A N1    1 
ATOM   133 C  C2    . DC  A 1 7  ? -9.932  -5.448  2.791   1.00 2.43  ? 7   DC  A C2    1 
ATOM   134 O  O2    . DC  A 1 7  ? -10.856 -5.710  3.553   1.00 2.70  ? 7   DC  A O2    1 
ATOM   135 N  N3    . DC  A 1 7  ? -9.432  -6.348  1.910   1.00 2.38  ? 7   DC  A N3    1 
ATOM   136 C  C4    . DC  A 1 7  ? -8.401  -5.995  1.121   1.00 2.32  ? 7   DC  A C4    1 
ATOM   137 N  N4    . DC  A 1 7  ? -7.902  -6.892  0.279   1.00 2.13  ? 7   DC  A N4    1 
ATOM   138 C  C5    . DC  A 1 7  ? -7.835  -4.708  1.173   1.00 2.34  ? 7   DC  A C5    1 
ATOM   139 C  C6    . DC  A 1 7  ? -8.342  -3.837  2.048   1.00 2.33  ? 7   DC  A C6    1 
ATOM   140 P  P     . DC  A 1 8  ? -10.986 -1.200  7.785   1.00 4.49  ? 8   DC  A P     1 
ATOM   141 O  OP1   . DC  A 1 8  ? -12.435 -1.039  8.064   1.00 4.09  ? 8   DC  A OP1   1 
ATOM   142 O  OP2   . DC  A 1 8  ? -10.054 -0.076  8.026   1.00 4.36  ? 8   DC  A OP2   1 
ATOM   143 O  "O5'" . DC  A 1 8  ? -10.609 -2.474  8.640   1.00 4.75  ? 8   DC  A "O5'" 1 
ATOM   144 C  "C5'" . DC  A 1 8  ? -11.619 -3.419  8.933   1.00 5.41  ? 8   DC  A "C5'" 1 
ATOM   145 C  "C4'" . DC  A 1 8  ? -11.002 -4.684  9.459   1.00 5.93  ? 8   DC  A "C4'" 1 
ATOM   146 O  "O4'" . DC  A 1 8  ? -10.142 -5.245  8.443   1.00 5.64  ? 8   DC  A "O4'" 1 
ATOM   147 C  "C3'" . DC  A 1 8  ? -10.122 -4.464  10.685  1.00 6.43  ? 8   DC  A "C3'" 1 
ATOM   148 O  "O3'" . DC  A 1 8  ? -10.302 -5.569  11.555  1.00 7.30  ? 8   DC  A "O3'" 1 
ATOM   149 C  "C2'" . DC  A 1 8  ? -8.726  -4.507  10.107  1.00 5.94  ? 8   DC  A "C2'" 1 
ATOM   150 C  "C1'" . DC  A 1 8  ? -8.891  -5.544  9.025   1.00 5.75  ? 8   DC  A "C1'" 1 
ATOM   151 N  N1    . DC  A 1 8  ? -7.894  -5.518  7.956   1.00 5.32  ? 8   DC  A N1    1 
ATOM   152 C  C2    . DC  A 1 8  ? -7.765  -6.641  7.107   1.00 5.31  ? 8   DC  A C2    1 
ATOM   153 O  O2    . DC  A 1 8  ? -8.465  -7.652  7.317   1.00 5.40  ? 8   DC  A O2    1 
ATOM   154 N  N3    . DC  A 1 8  ? -6.890  -6.589  6.087   1.00 5.18  ? 8   DC  A N3    1 
ATOM   155 C  C4    . DC  A 1 8  ? -6.184  -5.474  5.878   1.00 5.25  ? 8   DC  A C4    1 
ATOM   156 N  N4    . DC  A 1 8  ? -5.402  -5.423  4.805   1.00 5.43  ? 8   DC  A N4    1 
ATOM   157 C  C5    . DC  A 1 8  ? -6.267  -4.355  6.746   1.00 5.31  ? 8   DC  A C5    1 
ATOM   158 C  C6    . DC  A 1 8  ? -7.118  -4.418  7.762   1.00 5.18  ? 8   DC  A C6    1 
ATOM   159 P  P     . DG  A 1 9  ? -11.396 -5.487  12.724  1.00 7.80  ? 9   DG  A P     1 
ATOM   160 O  OP1   . DG  A 1 9  ? -12.673 -5.016  12.130  1.00 8.03  ? 9   DG  A OP1   1 
ATOM   161 O  OP2   . DG  A 1 9  ? -10.779 -4.721  13.832  1.00 7.70  ? 9   DG  A OP2   1 
ATOM   162 O  "O5'" . DG  A 1 9  ? -11.560 -7.000  13.180  1.00 8.53  ? 9   DG  A "O5'" 1 
ATOM   163 C  "C5'" . DG  A 1 9  ? -12.201 -7.962  12.343  1.00 8.98  ? 9   DG  A "C5'" 1 
ATOM   164 C  "C4'" . DG  A 1 9  ? -11.436 -9.264  12.385  1.00 9.42  ? 9   DG  A "C4'" 1 
ATOM   165 O  "O4'" . DG  A 1 9  ? -10.212 -9.137  11.631  1.00 9.78  ? 9   DG  A "O4'" 1 
ATOM   166 C  "C3'" . DG  A 1 9  ? -10.990 -9.654  13.787  1.00 9.74  ? 9   DG  A "C3'" 1 
ATOM   167 O  "O3'" . DG  A 1 9  ? -10.811 -11.065 13.799  1.00 9.72  ? 9   DG  A "O3'" 1 
ATOM   168 C  "C2'" . DG  A 1 9  ? -9.631  -8.987  13.880  1.00 9.88  ? 9   DG  A "C2'" 1 
ATOM   169 C  "C1'" . DG  A 1 9  ? -9.098  -9.312  12.496  1.00 9.83  ? 9   DG  A "C1'" 1 
ATOM   170 N  N9    . DG  A 1 9  ? -8.001  -8.515  11.957  1.00 9.79  ? 9   DG  A N9    1 
ATOM   171 C  C8    . DG  A 1 9  ? -7.436  -7.370  12.453  1.00 9.69  ? 9   DG  A C8    1 
ATOM   172 N  N7    . DG  A 1 9  ? -6.530  -6.858  11.659  1.00 9.66  ? 9   DG  A N7    1 
ATOM   173 C  C5    . DG  A 1 9  ? -6.483  -7.738  10.583  1.00 9.79  ? 9   DG  A C5    1 
ATOM   174 C  C6    . DG  A 1 9  ? -5.719  -7.700  9.375   1.00 9.82  ? 9   DG  A C6    1 
ATOM   175 O  O6    . DG  A 1 9  ? -4.924  -6.842  8.988   1.00 9.52  ? 9   DG  A O6    1 
ATOM   176 N  N1    . DG  A 1 9  ? -5.984  -8.803  8.567   1.00 9.90  ? 9   DG  A N1    1 
ATOM   177 C  C2    . DG  A 1 9  ? -6.872  -9.807  8.864   1.00 9.84  ? 9   DG  A C2    1 
ATOM   178 N  N2    . DG  A 1 9  ? -6.990  -10.792 7.948   1.00 9.85  ? 9   DG  A N2    1 
ATOM   179 N  N3    . DG  A 1 9  ? -7.597  -9.845  9.972   1.00 9.78  ? 9   DG  A N3    1 
ATOM   180 C  C4    . DG  A 1 9  ? -7.359  -8.784  10.774  1.00 9.84  ? 9   DG  A C4    1 
ATOM   181 P  P     . DG  A 1 10 ? -11.487 -11.945 14.940  1.00 9.57  ? 10  DG  A P     1 
ATOM   182 O  OP1   . DG  A 1 10 ? -12.931 -12.098 14.676  1.00 9.66  ? 10  DG  A OP1   1 
ATOM   183 O  OP2   . DG  A 1 10 ? -11.032 -11.365 16.229  1.00 9.21  ? 10  DG  A OP2   1 
ATOM   184 O  "O5'" . DG  A 1 10 ? -10.840 -13.379 14.679  1.00 9.50  ? 10  DG  A "O5'" 1 
ATOM   185 C  "C5'" . DG  A 1 10 ? -11.349 -14.197 13.620  1.00 9.34  ? 10  DG  A "C5'" 1 
ATOM   186 C  "C4'" . DG  A 1 10 ? -10.302 -15.174 13.151  1.00 9.18  ? 10  DG  A "C4'" 1 
ATOM   187 O  "O4'" . DG  A 1 10 ? -9.185  -14.424 12.636  1.00 9.07  ? 10  DG  A "O4'" 1 
ATOM   188 C  "C3'" . DG  A 1 10 ? -9.734  -16.062 14.255  1.00 9.09  ? 10  DG  A "C3'" 1 
ATOM   189 O  "O3'" . DG  A 1 10 ? -9.254  -17.248 13.650  1.00 9.18  ? 10  DG  A "O3'" 1 
ATOM   190 C  "C2'" . DG  A 1 10 ? -8.546  -15.266 14.752  1.00 9.09  ? 10  DG  A "C2'" 1 
ATOM   191 C  "C1'" . DG  A 1 10 ? -8.054  -14.588 13.483  1.00 9.25  ? 10  DG  A "C1'" 1 
ATOM   192 N  N9    . DG  A 1 10 ? -7.493  -13.266 13.716  1.00 9.19  ? 10  DG  A N9    1 
ATOM   193 C  C8    . DG  A 1 10 ? -7.761  -12.421 14.765  1.00 9.28  ? 10  DG  A C8    1 
ATOM   194 N  N7    . DG  A 1 10 ? -7.101  -11.299 14.696  1.00 9.13  ? 10  DG  A N7    1 
ATOM   195 C  C5    . DG  A 1 10 ? -6.353  -11.412 13.536  1.00 9.21  ? 10  DG  A C5    1 
ATOM   196 C  C6    . DG  A 1 10 ? -5.418  -10.512 12.947  1.00 9.23  ? 10  DG  A C6    1 
ATOM   197 O  O6    . DG  A 1 10 ? -5.037  -9.412  13.363  1.00 9.24  ? 10  DG  A O6    1 
ATOM   198 N  N1    . DG  A 1 10 ? -4.894  -11.023 11.763  1.00 9.16  ? 10  DG  A N1    1 
ATOM   199 C  C2    . DG  A 1 10 ? -5.208  -12.256 11.227  1.00 8.95  ? 10  DG  A C2    1 
ATOM   200 N  N2    . DG  A 1 10 ? -4.600  -12.581 10.075  1.00 8.62  ? 10  DG  A N2    1 
ATOM   201 N  N3    . DG  A 1 10 ? -6.057  -13.110 11.780  1.00 9.03  ? 10  DG  A N3    1 
ATOM   202 C  C4    . DG  A 1 10 ? -6.589  -12.623 12.918  1.00 9.16  ? 10  DG  A C4    1 
ATOM   203 O  "O5'" . DC  B 1 1  ? -15.099 7.523   -2.932  1.00 7.74  ? 11  DC  B "O5'" 1 
ATOM   204 C  "C5'" . DC  B 1 1  ? -16.164 8.172   -3.645  1.00 7.12  ? 11  DC  B "C5'" 1 
ATOM   205 C  "C4'" . DC  B 1 1  ? -15.934 9.626   -3.996  1.00 6.82  ? 11  DC  B "C4'" 1 
ATOM   206 O  "O4'" . DC  B 1 1  ? -15.805 10.431  -2.796  1.00 6.69  ? 11  DC  B "O4'" 1 
ATOM   207 C  "C3'" . DC  B 1 1  ? -14.679 9.898   -4.828  1.00 6.61  ? 11  DC  B "C3'" 1 
ATOM   208 O  "O3'" . DC  B 1 1  ? -14.934 10.911  -5.814  1.00 6.04  ? 11  DC  B "O3'" 1 
ATOM   209 C  "C2'" . DC  B 1 1  ? -13.696 10.445  -3.813  1.00 6.70  ? 11  DC  B "C2'" 1 
ATOM   210 C  "C1'" . DC  B 1 1  ? -14.624 11.220  -2.894  1.00 6.39  ? 11  DC  B "C1'" 1 
ATOM   211 N  N1    . DC  B 1 1  ? -14.103 11.412  -1.543  1.00 6.31  ? 11  DC  B N1    1 
ATOM   212 C  C2    . DC  B 1 1  ? -13.293 12.524  -1.252  1.00 6.29  ? 11  DC  B C2    1 
ATOM   213 O  O2    . DC  B 1 1  ? -12.947 13.299  -2.162  1.00 6.36  ? 11  DC  B O2    1 
ATOM   214 N  N3    . DC  B 1 1  ? -12.879 12.714  0.011   1.00 6.04  ? 11  DC  B N3    1 
ATOM   215 C  C4    . DC  B 1 1  ? -13.192 11.839  0.954   1.00 6.14  ? 11  DC  B C4    1 
ATOM   216 N  N4    . DC  B 1 1  ? -12.739 12.070  2.189   1.00 6.13  ? 11  DC  B N4    1 
ATOM   217 C  C5    . DC  B 1 1  ? -13.976 10.690  0.684   1.00 6.26  ? 11  DC  B C5    1 
ATOM   218 C  C6    . DC  B 1 1  ? -14.412 10.517  -0.566  1.00 6.34  ? 11  DC  B C6    1 
ATOM   219 P  P     . DC  B 1 2  ? -14.678 10.591  -7.361  1.00 5.92  ? 12  DC  B P     1 
ATOM   220 O  OP1   . DC  B 1 2  ? -14.851 11.818  -8.138  1.00 6.12  ? 12  DC  B OP1   1 
ATOM   221 O  OP2   . DC  B 1 2  ? -15.450 9.391   -7.757  1.00 5.80  ? 12  DC  B OP2   1 
ATOM   222 O  "O5'" . DC  B 1 2  ? -13.116 10.298  -7.438  1.00 5.32  ? 12  DC  B "O5'" 1 
ATOM   223 C  "C5'" . DC  B 1 2  ? -12.191 11.364  -7.543  1.00 4.87  ? 12  DC  B "C5'" 1 
ATOM   224 C  "C4'" . DC  B 1 2  ? -10.784 10.858  -7.341  1.00 4.47  ? 12  DC  B "C4'" 1 
ATOM   225 O  "O4'" . DC  B 1 2  ? -10.523 10.676  -5.940  1.00 4.28  ? 12  DC  B "O4'" 1 
ATOM   226 C  "C3'" . DC  B 1 2  ? -10.470 9.518   -8.008  1.00 4.50  ? 12  DC  B "C3'" 1 
ATOM   227 O  "O3'" . DC  B 1 2  ? -9.175  9.596   -8.575  1.00 4.85  ? 12  DC  B "O3'" 1 
ATOM   228 C  "C2'" . DC  B 1 2  ? -10.443 8.541   -6.852  1.00 4.40  ? 12  DC  B "C2'" 1 
ATOM   229 C  "C1'" . DC  B 1 2  ? -9.935  9.417   -5.728  1.00 3.96  ? 12  DC  B "C1'" 1 
ATOM   230 N  N1    . DC  B 1 2  ? -10.305 9.002   -4.377  1.00 3.59  ? 12  DC  B N1    1 
ATOM   231 C  C2    . DC  B 1 2  ? -9.965  9.848   -3.319  1.00 3.50  ? 12  DC  B C2    1 
ATOM   232 O  O2    . DC  B 1 2  ? -9.320  10.915  -3.562  1.00 3.62  ? 12  DC  B O2    1 
ATOM   233 N  N3    . DC  B 1 2  ? -10.336 9.519   -2.074  1.00 3.18  ? 12  DC  B N3    1 
ATOM   234 C  C4    . DC  B 1 2  ? -11.029 8.407   -1.855  1.00 3.13  ? 12  DC  B C4    1 
ATOM   235 N  N4    . DC  B 1 2  ? -11.439 8.178   -0.615  1.00 3.05  ? 12  DC  B N4    1 
ATOM   236 C  C5    . DC  B 1 2  ? -11.351 7.497   -2.908  1.00 3.25  ? 12  DC  B C5    1 
ATOM   237 C  C6    . DC  B 1 2  ? -10.977 7.833   -4.144  1.00 3.31  ? 12  DC  B C6    1 
ATOM   238 P  P     . DG  B 1 3  ? -9.018  9.959   -10.110 1.00 4.51  ? 13  DG  B P     1 
ATOM   239 O  OP1   . DG  B 1 3  ? -10.044 10.996  -10.404 1.00 5.03  ? 13  DG  B OP1   1 
ATOM   240 O  OP2   . DG  B 1 3  ? -8.959  8.724   -10.919 1.00 4.94  ? 13  DG  B OP2   1 
ATOM   241 O  "O5'" . DG  B 1 3  ? -7.553  10.602  -10.183 1.00 4.64  ? 13  DG  B "O5'" 1 
ATOM   242 C  "C5'" . DG  B 1 3  ? -7.245  11.830  -9.539  1.00 4.18  ? 13  DG  B "C5'" 1 
ATOM   243 C  "C4'" . DG  B 1 3  ? -5.990  11.688  -8.709  1.00 4.15  ? 13  DG  B "C4'" 1 
ATOM   244 O  "O4'" . DG  B 1 3  ? -6.293  10.903  -7.529  1.00 3.50  ? 13  DG  B "O4'" 1 
ATOM   245 C  "C3'" . DG  B 1 3  ? -4.819  10.971  -9.392  1.00 4.28  ? 13  DG  B "C3'" 1 
ATOM   246 O  "O3'" . DG  B 1 3  ? -3.589  11.489  -8.881  1.00 5.04  ? 13  DG  B "O3'" 1 
ATOM   247 C  "C2'" . DG  B 1 3  ? -4.945  9.557   -8.862  1.00 4.04  ? 13  DG  B "C2'" 1 
ATOM   248 C  "C1'" . DG  B 1 3  ? -5.385  9.821   -7.439  1.00 3.15  ? 13  DG  B "C1'" 1 
ATOM   249 N  N9    . DG  B 1 3  ? -6.051  8.750   -6.698  1.00 2.46  ? 13  DG  B N9    1 
ATOM   250 C  C8    . DG  B 1 3  ? -6.684  7.622   -7.162  1.00 2.24  ? 13  DG  B C8    1 
ATOM   251 N  N7    . DG  B 1 3  ? -7.246  6.918   -6.203  1.00 2.00  ? 13  DG  B N7    1 
ATOM   252 C  C5    . DG  B 1 3  ? -6.932  7.617   -5.046  1.00 1.98  ? 13  DG  B C5    1 
ATOM   253 C  C6    . DG  B 1 3  ? -7.260  7.356   -3.705  1.00 1.97  ? 13  DG  B C6    1 
ATOM   254 O  O6    . DG  B 1 3  ? -7.873  6.391   -3.241  1.00 1.75  ? 13  DG  B O6    1 
ATOM   255 N  N1    . DG  B 1 3  ? -6.785  8.355   -2.860  1.00 1.68  ? 13  DG  B N1    1 
ATOM   256 C  C2    . DG  B 1 3  ? -6.044  9.453   -3.263  1.00 1.80  ? 13  DG  B C2    1 
ATOM   257 N  N2    . DG  B 1 3  ? -5.724  10.338  -2.317  1.00 1.33  ? 13  DG  B N2    1 
ATOM   258 N  N3    . DG  B 1 3  ? -5.683  9.667   -4.500  1.00 1.85  ? 13  DG  B N3    1 
ATOM   259 C  C4    . DG  B 1 3  ? -6.179  8.735   -5.337  1.00 2.14  ? 13  DG  B C4    1 
ATOM   260 P  P     . DG  B 1 4  ? -2.544  12.222  -9.855  1.00 5.87  ? 14  DG  B P     1 
ATOM   261 O  OP1   . DG  B 1 4  ? -3.271  13.356  -10.486 1.00 5.76  ? 14  DG  B OP1   1 
ATOM   262 O  OP2   . DG  B 1 4  ? -1.789  11.262  -10.712 1.00 6.19  ? 14  DG  B OP2   1 
ATOM   263 O  "O5'" . DG  B 1 4  ? -1.500  12.782  -8.798  1.00 5.04  ? 14  DG  B "O5'" 1 
ATOM   264 C  "C5'" . DG  B 1 4  ? -1.879  13.775  -7.865  1.00 4.49  ? 14  DG  B "C5'" 1 
ATOM   265 C  "C4'" . DG  B 1 4  ? -1.156  13.560  -6.561  1.00 4.50  ? 14  DG  B "C4'" 1 
ATOM   266 O  "O4'" . DG  B 1 4  ? -1.672  12.365  -5.932  1.00 3.88  ? 14  DG  B "O4'" 1 
ATOM   267 C  "C3'" . DG  B 1 4  ? 0.356   13.376  -6.643  1.00 4.16  ? 14  DG  B "C3'" 1 
ATOM   268 O  "O3'" . DG  B 1 4  ? 0.917   13.976  -5.470  1.00 4.14  ? 14  DG  B "O3'" 1 
ATOM   269 C  "C2'" . DG  B 1 4  ? 0.504   11.864  -6.664  1.00 4.24  ? 14  DG  B "C2'" 1 
ATOM   270 C  "C1'" . DG  B 1 4  ? -0.654  11.399  -5.798  1.00 4.41  ? 14  DG  B "C1'" 1 
ATOM   271 N  N9    . DG  B 1 4  ? -1.270  10.119  -6.117  1.00 4.21  ? 14  DG  B N9    1 
ATOM   272 C  C8    . DG  B 1 4  ? -1.338  9.489   -7.333  1.00 4.22  ? 14  DG  B C8    1 
ATOM   273 N  N7    . DG  B 1 4  ? -2.028  8.380   -7.297  1.00 4.08  ? 14  DG  B N7    1 
ATOM   274 C  C5    . DG  B 1 4  ? -2.424  8.266   -5.975  1.00 4.18  ? 14  DG  B C5    1 
ATOM   275 C  C6    . DG  B 1 4  ? -3.184  7.258   -5.326  1.00 4.04  ? 14  DG  B C6    1 
ATOM   276 O  O6    . DG  B 1 4  ? -3.680  6.249   -5.801  1.00 4.05  ? 14  DG  B O6    1 
ATOM   277 N  N1    . DG  B 1 4  ? -3.342  7.532   -3.978  1.00 4.17  ? 14  DG  B N1    1 
ATOM   278 C  C2    . DG  B 1 4  ? -2.851  8.639   -3.333  1.00 4.18  ? 14  DG  B C2    1 
ATOM   279 N  N2    . DG  B 1 4  ? -3.150  8.729   -2.032  1.00 4.16  ? 14  DG  B N2    1 
ATOM   280 N  N3    . DG  B 1 4  ? -2.136  9.587   -3.921  1.00 4.17  ? 14  DG  B N3    1 
ATOM   281 C  C4    . DG  B 1 4  ? -1.959  9.333   -5.232  1.00 4.23  ? 14  DG  B C4    1 
ATOM   282 P  P     . DC  B 1 5  ? 2.463   13.778  -5.123  1.00 3.93  ? 15  DC  B P     1 
ATOM   283 O  OP1   . DC  B 1 5  ? 2.914   15.142  -4.734  1.00 4.22  ? 15  DC  B OP1   1 
ATOM   284 O  OP2   . DC  B 1 5  ? 3.112   13.088  -6.248  1.00 2.97  ? 15  DC  B OP2   1 
ATOM   285 O  "O5'" . DC  B 1 5  ? 2.476   12.829  -3.839  1.00 4.39  ? 15  DC  B "O5'" 1 
ATOM   286 C  "C5'" . DC  B 1 5  ? 1.749   13.202  -2.672  1.00 4.00  ? 15  DC  B "C5'" 1 
ATOM   287 C  "C4'" . DC  B 1 5  ? 1.749   12.085  -1.654  1.00 4.68  ? 15  DC  B "C4'" 1 
ATOM   288 O  "O4'" . DC  B 1 5  ? 0.896   11.001  -2.091  1.00 4.60  ? 15  DC  B "O4'" 1 
ATOM   289 C  "C3'" . DC  B 1 5  ? 3.121   11.472  -1.384  1.00 4.82  ? 15  DC  B "C3'" 1 
ATOM   290 O  "O3'" . DC  B 1 5  ? 3.524   11.666  -0.039  1.00 4.60  ? 15  DC  B "O3'" 1 
ATOM   291 C  "C2'" . DC  B 1 5  ? 2.964   9.991   -1.670  1.00 4.83  ? 15  DC  B "C2'" 1 
ATOM   292 C  "C1'" . DC  B 1 5  ? 1.461   9.763   -1.667  1.00 4.79  ? 15  DC  B "C1'" 1 
ATOM   293 N  N1    . DC  B 1 5  ? 1.042   8.740   -2.631  1.00 5.02  ? 15  DC  B N1    1 
ATOM   294 C  C2    . DC  B 1 5  ? 0.305   7.620   -2.184  1.00 5.22  ? 15  DC  B C2    1 
ATOM   295 O  O2    . DC  B 1 5  ? 0.100   7.481   -0.972  1.00 5.26  ? 15  DC  B O2    1 
ATOM   296 N  N3    . DC  B 1 5  ? -0.146  6.727   -3.092  1.00 5.22  ? 15  DC  B N3    1 
ATOM   297 C  C4    . DC  B 1 5  ? 0.149   6.900   -4.397  1.00 5.27  ? 15  DC  B C4    1 
ATOM   298 N  N4    . DC  B 1 5  ? -0.315  6.012   -5.280  1.00 4.79  ? 15  DC  B N4    1 
ATOM   299 C  C5    . DC  B 1 5  ? 0.929   7.999   -4.854  1.00 5.04  ? 15  DC  B C5    1 
ATOM   300 C  C6    . DC  B 1 5  ? 1.342   8.884   -3.955  1.00 5.04  ? 15  DC  B C6    1 
ATOM   301 P  P     . DG  B 1 6  ? 5.081   11.629  0.308   1.00 4.76  ? 16  DG  B P     1 
ATOM   302 O  OP1   . DG  B 1 6  ? 5.322   12.675  1.308   1.00 4.13  ? 16  DG  B OP1   1 
ATOM   303 O  OP2   . DG  B 1 6  ? 5.830   11.660  -0.978  1.00 5.12  ? 16  DG  B OP2   1 
ATOM   304 O  "O5'" . DG  B 1 6  ? 5.291   10.147  0.889   1.00 4.54  ? 16  DG  B "O5'" 1 
ATOM   305 C  "C5'" . DG  B 1 6  ? 4.711   9.728   2.119   1.00 5.18  ? 16  DG  B "C5'" 1 
ATOM   306 C  "C4'" . DG  B 1 6  ? 4.873   8.232   2.284   1.00 5.51  ? 16  DG  B "C4'" 1 
ATOM   307 O  "O4'" . DG  B 1 6  ? 4.178   7.557   1.209   1.00 5.85  ? 16  DG  B "O4'" 1 
ATOM   308 C  "C3'" . DG  B 1 6  ? 6.311   7.697   2.224   1.00 5.74  ? 16  DG  B "C3'" 1 
ATOM   309 O  "O3'" . DG  B 1 6  ? 6.396   6.465   2.964   1.00 5.97  ? 16  DG  B "O3'" 1 
ATOM   310 C  "C2'" . DG  B 1 6  ? 6.434   7.313   0.763   1.00 5.89  ? 16  DG  B "C2'" 1 
ATOM   311 C  "C1'" . DG  B 1 6  ? 5.094   6.653   0.604   1.00 5.87  ? 16  DG  B "C1'" 1 
ATOM   312 N  N9    . DG  B 1 6  ? 4.649   6.392   -0.757  1.00 6.07  ? 16  DG  B N9    1 
ATOM   313 C  C8    . DG  B 1 6  ? 4.973   7.097   -1.896  1.00 6.00  ? 16  DG  B C8    1 
ATOM   314 N  N7    . DG  B 1 6  ? 4.389   6.634   -2.963  1.00 5.89  ? 16  DG  B N7    1 
ATOM   315 C  C5    . DG  B 1 6  ? 3.638   5.557   -2.504  1.00 6.15  ? 16  DG  B C5    1 
ATOM   316 C  C6    . DG  B 1 6  ? 2.801   4.665   -3.206  1.00 6.09  ? 16  DG  B C6    1 
ATOM   317 O  O6    . DG  B 1 6  ? 2.569   4.624   -4.416  1.00 6.10  ? 16  DG  B O6    1 
ATOM   318 N  N1    . DG  B 1 6  ? 2.219   3.731   -2.358  1.00 6.22  ? 16  DG  B N1    1 
ATOM   319 C  C2    . DG  B 1 6  ? 2.444   3.639   -1.012  1.00 6.18  ? 16  DG  B C2    1 
ATOM   320 N  N2    . DG  B 1 6  ? 1.781   2.655   -0.377  1.00 6.16  ? 16  DG  B N2    1 
ATOM   321 N  N3    . DG  B 1 6  ? 3.252   4.451   -0.341  1.00 6.19  ? 16  DG  B N3    1 
ATOM   322 C  C4    . DG  B 1 6  ? 3.800   5.388   -1.146  1.00 6.05  ? 16  DG  B C4    1 
ATOM   323 P  P     . DC  B 1 7  ? 7.115   6.422   4.393   1.00 6.00  ? 17  DC  B P     1 
ATOM   324 O  OP1   . DC  B 1 7  ? 6.615   7.605   5.145   1.00 6.01  ? 17  DC  B OP1   1 
ATOM   325 O  OP2   . DC  B 1 7  ? 8.569   6.228   4.233   1.00 5.89  ? 17  DC  B OP2   1 
ATOM   326 O  "O5'" . DC  B 1 7  ? 6.506   5.118   5.082   1.00 6.02  ? 17  DC  B "O5'" 1 
ATOM   327 C  "C5'" . DC  B 1 7  ? 5.111   5.010   5.344   1.00 6.70  ? 17  DC  B "C5'" 1 
ATOM   328 C  "C4'" . DC  B 1 7  ? 4.634   3.617   5.019   1.00 6.86  ? 17  DC  B "C4'" 1 
ATOM   329 O  "O4'" . DC  B 1 7  ? 4.597   3.415   3.590   1.00 6.86  ? 17  DC  B "O4'" 1 
ATOM   330 C  "C3'" . DC  B 1 7  ? 5.553   2.537   5.566   1.00 7.04  ? 17  DC  B "C3'" 1 
ATOM   331 O  "O3'" . DC  B 1 7  ? 4.783   1.503   6.162   1.00 7.65  ? 17  DC  B "O3'" 1 
ATOM   332 C  "C2'" . DC  B 1 7  ? 6.362   2.085   4.354   1.00 6.96  ? 17  DC  B "C2'" 1 
ATOM   333 C  "C1'" . DC  B 1 7  ? 5.364   2.286   3.218   1.00 7.21  ? 17  DC  B "C1'" 1 
ATOM   334 N  N1    . DC  B 1 7  ? 5.875   2.552   1.858   1.00 7.37  ? 17  DC  B N1    1 
ATOM   335 C  C2    . DC  B 1 7  ? 5.252   1.883   0.775   1.00 7.37  ? 17  DC  B C2    1 
ATOM   336 O  O2    . DC  B 1 7  ? 4.412   1.014   1.010   1.00 7.64  ? 17  DC  B O2    1 
ATOM   337 N  N3    . DC  B 1 7  ? 5.586   2.209   -0.486  1.00 7.43  ? 17  DC  B N3    1 
ATOM   338 C  C4    . DC  B 1 7  ? 6.522   3.137   -0.712  1.00 7.42  ? 17  DC  B C4    1 
ATOM   339 N  N4    . DC  B 1 7  ? 6.790   3.438   -1.976  1.00 7.48  ? 17  DC  B N4    1 
ATOM   340 C  C5    . DC  B 1 7  ? 7.212   3.792   0.355   1.00 7.52  ? 17  DC  B C5    1 
ATOM   341 C  C6    . DC  B 1 7  ? 6.863   3.460   1.622   1.00 7.42  ? 17  DC  B C6    1 
ATOM   342 P  P     . DC  B 1 8  ? 5.491   0.542   7.221   1.00 7.93  ? 18  DC  B P     1 
ATOM   343 O  OP1   . DC  B 1 8  ? 4.527   0.105   8.271   1.00 8.16  ? 18  DC  B OP1   1 
ATOM   344 O  OP2   . DC  B 1 8  ? 6.684   1.298   7.619   1.00 8.21  ? 18  DC  B OP2   1 
ATOM   345 O  "O5'" . DC  B 1 8  ? 5.927   -0.700  6.336   1.00 8.43  ? 18  DC  B "O5'" 1 
ATOM   346 C  "C5'" . DC  B 1 8  ? 4.977   -1.420  5.568   1.00 7.44  ? 18  DC  B "C5'" 1 
ATOM   347 C  "C4'" . DC  B 1 8  ? 5.692   -2.415  4.688   1.00 7.12  ? 18  DC  B "C4'" 1 
ATOM   348 O  "O4'" . DC  B 1 8  ? 6.272   -1.780  3.521   1.00 6.97  ? 18  DC  B "O4'" 1 
ATOM   349 C  "C3'" . DC  B 1 8  ? 6.849   -3.110  5.394   1.00 7.38  ? 18  DC  B "C3'" 1 
ATOM   350 O  "O3'" . DC  B 1 8  ? 6.842   -4.469  5.010   1.00 7.78  ? 18  DC  B "O3'" 1 
ATOM   351 C  "C2'" . DC  B 1 8  ? 8.082   -2.426  4.823   1.00 6.64  ? 18  DC  B "C2'" 1 
ATOM   352 C  "C1'" . DC  B 1 8  ? 7.649   -2.141  3.407   1.00 6.42  ? 18  DC  B "C1'" 1 
ATOM   353 N  N1    . DC  B 1 8  ? 8.353   -1.030  2.724   1.00 5.72  ? 18  DC  B N1    1 
ATOM   354 C  C2    . DC  B 1 8  ? 8.264   -0.938  1.332   1.00 5.54  ? 18  DC  B C2    1 
ATOM   355 O  O2    . DC  B 1 8  ? 7.709   -1.833  0.716   1.00 5.43  ? 18  DC  B O2    1 
ATOM   356 N  N3    . DC  B 1 8  ? 8.808   0.129   0.691   1.00 5.43  ? 18  DC  B N3    1 
ATOM   357 C  C4    . DC  B 1 8  ? 9.465   1.049   1.383   1.00 5.43  ? 18  DC  B C4    1 
ATOM   358 N  N4    . DC  B 1 8  ? 9.962   2.088   0.703   1.00 5.15  ? 18  DC  B N4    1 
ATOM   359 C  C5    . DC  B 1 8  ? 9.638   0.948   2.808   1.00 5.37  ? 18  DC  B C5    1 
ATOM   360 C  C6    . DC  B 1 8  ? 9.058   -0.092  3.431   1.00 5.57  ? 18  DC  B C6    1 
ATOM   361 P  P     . DG  B 1 9  ? 6.505   -5.575  6.102   1.00 8.04  ? 19  DG  B P     1 
ATOM   362 O  OP1   . DG  B 1 9  ? 5.178   -5.275  6.665   1.00 8.34  ? 19  DG  B OP1   1 
ATOM   363 O  OP2   . DG  B 1 9  ? 7.704   -5.597  6.990   1.00 8.64  ? 19  DG  B OP2   1 
ATOM   364 O  "O5'" . DG  B 1 9  ? 6.352   -6.885  5.224   1.00 9.02  ? 19  DG  B "O5'" 1 
ATOM   365 C  "C5'" . DG  B 1 9  ? 5.459   -6.911  4.118   1.00 9.31  ? 19  DG  B "C5'" 1 
ATOM   366 C  "C4'" . DG  B 1 9  ? 6.168   -7.453  2.904   1.00 10.09 ? 19  DG  B "C4'" 1 
ATOM   367 O  "O4'" . DG  B 1 9  ? 7.060   -6.452  2.374   1.00 10.26 ? 19  DG  B "O4'" 1 
ATOM   368 C  "C3'" . DG  B 1 9  ? 7.031   -8.688  3.149   1.00 10.34 ? 19  DG  B "C3'" 1 
ATOM   369 O  "O3'" . DG  B 1 9  ? 6.973   -9.540  2.008   1.00 10.77 ? 19  DG  B "O3'" 1 
ATOM   370 C  "C2'" . DG  B 1 9  ? 8.424   -8.116  3.315   1.00 10.45 ? 19  DG  B "C2'" 1 
ATOM   371 C  "C1'" . DG  B 1 9  ? 8.386   -6.953  2.345   1.00 10.48 ? 19  DG  B "C1'" 1 
ATOM   372 N  N9    . DG  B 1 9  ? 9.274   -5.843  2.651   1.00 10.54 ? 19  DG  B N9    1 
ATOM   373 C  C8    . DG  B 1 9  ? 9.827   -5.494  3.859   1.00 10.69 ? 19  DG  B C8    1 
ATOM   374 N  N7    . DG  B 1 9  ? 10.546  -4.407  3.790   1.00 10.49 ? 19  DG  B N7    1 
ATOM   375 C  C5    . DG  B 1 9  ? 10.470  -4.030  2.459   1.00 10.60 ? 19  DG  B C5    1 
ATOM   376 C  C6    . DG  B 1 9  ? 11.046  -2.925  1.774   1.00 10.53 ? 19  DG  B C6    1 
ATOM   377 O  O6    . DG  B 1 9  ? 11.754  -2.019  2.232   1.00 10.43 ? 19  DG  B O6    1 
ATOM   378 N  N1    . DG  B 1 9  ? 10.711  -2.934  0.421   1.00 10.54 ? 19  DG  B N1    1 
ATOM   379 C  C2    . DG  B 1 9  ? 9.900   -3.874  -0.183  1.00 10.72 ? 19  DG  B C2    1 
ATOM   380 N  N2    . DG  B 1 9  ? 9.650   -3.723  -1.489  1.00 10.78 ? 19  DG  B N2    1 
ATOM   381 N  N3    . DG  B 1 9  ? 9.367   -4.890  0.446   1.00 10.58 ? 19  DG  B N3    1 
ATOM   382 C  C4    . DG  B 1 9  ? 9.695   -4.911  1.748   1.00 10.59 ? 19  DG  B C4    1 
ATOM   383 P  P     . DG  B 1 10 ? 6.816   -11.129 2.219   1.00 10.77 ? 20  DG  B P     1 
ATOM   384 O  OP1   . DG  B 1 10 ? 5.427   -11.397 2.664   1.00 11.30 ? 20  DG  B OP1   1 
ATOM   385 O  OP2   . DG  B 1 10 ? 7.943   -11.562 3.069   1.00 11.44 ? 20  DG  B OP2   1 
ATOM   386 O  "O5'" . DG  B 1 10 ? 7.031   -11.767 0.780   1.00 10.66 ? 20  DG  B "O5'" 1 
ATOM   387 C  "C5'" . DG  B 1 10 ? 6.442   -11.209 -0.372  1.00 10.30 ? 20  DG  B "C5'" 1 
ATOM   388 C  "C4'" . DG  B 1 10 ? 7.468   -11.136 -1.476  1.00 10.09 ? 20  DG  B "C4'" 1 
ATOM   389 O  "O4'" . DG  B 1 10 ? 8.411   -10.086 -1.171  1.00 10.12 ? 20  DG  B "O4'" 1 
ATOM   390 C  "C3'" . DG  B 1 10 ? 8.306   -12.407 -1.642  1.00 10.01 ? 20  DG  B "C3'" 1 
ATOM   391 O  "O3'" . DG  B 1 10 ? 8.837   -12.427 -2.970  1.00 9.54  ? 20  DG  B "O3'" 1 
ATOM   392 C  "C2'" . DG  B 1 10 ? 9.499   -12.140 -0.742  1.00 9.73  ? 20  DG  B "C2'" 1 
ATOM   393 C  "C1'" . DG  B 1 10 ? 9.714   -10.654 -1.003  1.00 9.99  ? 20  DG  B "C1'" 1 
ATOM   394 N  N9    . DG  B 1 10 ? 10.407  -9.914  0.046   1.00 9.90  ? 20  DG  B N9    1 
ATOM   395 C  C8    . DG  B 1 10 ? 10.462  -10.200 1.388   1.00 10.02 ? 20  DG  B C8    1 
ATOM   396 N  N7    . DG  B 1 10 ? 11.151  -9.324  2.069   1.00 9.95  ? 20  DG  B N7    1 
ATOM   397 C  C5    . DG  B 1 10 ? 11.583  -8.415  1.117   1.00 9.97  ? 20  DG  B C5    1 
ATOM   398 C  C6    . DG  B 1 10 ? 12.358  -7.225  1.245   1.00 9.85  ? 20  DG  B C6    1 
ATOM   399 O  O6    . DG  B 1 10 ? 12.856  -6.726  2.252   1.00 9.77  ? 20  DG  B O6    1 
ATOM   400 N  N1    . DG  B 1 10 ? 12.527  -6.599  0.020   1.00 9.83  ? 20  DG  B N1    1 
ATOM   401 C  C2    . DG  B 1 10 ? 12.031  -7.044  -1.173  1.00 9.83  ? 20  DG  B C2    1 
ATOM   402 N  N2    . DG  B 1 10 ? 12.285  -6.278  -2.229  1.00 9.87  ? 20  DG  B N2    1 
ATOM   403 N  N3    . DG  B 1 10 ? 11.334  -8.148  -1.315  1.00 9.90  ? 20  DG  B N3    1 
ATOM   404 C  C4    . DG  B 1 10 ? 11.137  -8.775  -0.136  1.00 9.93  ? 20  DG  B C4    1 
HETATM 405 NA NA    . NA  C 2 .  ? -5.975  -14.945 6.552   1.00 1.00  ? 21  NA  A NA    1 
HETATM 406 NA NA    . NA  D 2 .  ? 16.429  1.140   0.526   1.00 9.82  ? 36  NA  A NA    1 
HETATM 407 NA NA    . NA  E 2 .  ? -6.698  -15.227 9.836   1.00 11.87 ? 49  NA  A NA    1 
HETATM 408 NA NA    . NA  F 2 .  ? 6.000   -6.324  -0.034  1.00 11.64 ? 55  NA  B NA    1 
HETATM 409 O  O     . HOH G 3 .  ? 12.305  -1.776  -13.932 1.00 26.38 ? 22  HOH A O     1 
HETATM 410 O  O     . HOH G 3 .  ? -6.714  -17.653 6.690   1.00 4.64  ? 24  HOH A O     1 
HETATM 411 O  O     . HOH G 3 .  ? -8.216  -14.952 5.514   1.00 1.00  ? 25  HOH A O     1 
HETATM 412 O  O     . HOH G 3 .  ? -14.165 -14.114 16.590  1.00 1.00  ? 26  HOH A O     1 
HETATM 413 O  O     . HOH G 3 .  ? 6.248   4.254   -5.955  1.00 5.09  ? 27  HOH A O     1 
HETATM 414 O  O     . HOH G 3 .  ? -9.151  -10.868 20.528  1.00 12.06 ? 32  HOH A O     1 
HETATM 415 O  O     . HOH G 3 .  ? 13.405  1.914   4.245   1.00 2.02  ? 33  HOH A O     1 
HETATM 416 O  O     . HOH G 3 .  ? 11.766  -3.887  -5.861  1.00 12.26 ? 34  HOH A O     1 
HETATM 417 O  O     . HOH G 3 .  ? -11.162 -9.729  21.231  1.00 19.17 ? 37  HOH A O     1 
HETATM 418 O  O     . HOH G 3 .  ? 1.816   -8.018  -5.229  1.00 7.14  ? 38  HOH A O     1 
HETATM 419 O  O     . HOH G 3 .  ? 9.304   -3.110  -5.515  1.00 3.27  ? 39  HOH A O     1 
HETATM 420 O  O     . HOH G 3 .  ? 4.478   -0.585  -13.261 1.00 21.24 ? 41  HOH A O     1 
HETATM 421 O  O     . HOH G 3 .  ? 16.244  -4.453  -7.062  1.00 2.74  ? 43  HOH A O     1 
HETATM 422 O  O     . HOH G 3 .  ? -13.620 -1.811  12.560  1.00 19.79 ? 46  HOH A O     1 
HETATM 423 O  O     . HOH G 3 .  ? -11.184 -16.089 8.664   1.00 20.82 ? 47  HOH A O     1 
HETATM 424 O  O     . HOH G 3 .  ? 14.991  -6.503  -11.489 1.00 21.66 ? 48  HOH A O     1 
HETATM 425 O  O     . HOH G 3 .  ? 2.299   -8.129  -1.906  1.00 24.59 ? 51  HOH A O     1 
HETATM 426 O  O     . HOH G 3 .  ? 14.208  -3.268  -12.041 1.00 22.25 ? 54  HOH A O     1 
HETATM 427 O  O     . HOH G 3 .  ? -4.433  -15.578 8.697   1.00 18.82 ? 56  HOH A O     1 
HETATM 428 O  O     . HOH G 3 .  ? -1.889  -5.064  2.106   1.00 4.46  ? 58  HOH A O     1 
HETATM 429 O  O     . HOH G 3 .  ? -0.313  -3.260  0.825   1.00 2.97  ? 59  HOH A O     1 
HETATM 430 O  O     . HOH G 3 .  ? -0.057  -5.245  -9.779  1.00 15.20 ? 62  HOH A O     1 
HETATM 431 O  O     . HOH G 3 .  ? -1.357  1.526   2.081   1.00 7.27  ? 67  HOH A O     1 
HETATM 432 O  O     . HOH G 3 .  ? 6.003   -5.231  -7.112  1.00 11.13 ? 70  HOH A O     1 
HETATM 433 O  O     . HOH G 3 .  ? 3.120   -3.899  -2.104  1.00 5.96  ? 71  HOH A O     1 
HETATM 434 O  O     . HOH G 3 .  ? -8.969  -10.845 17.493  1.00 22.23 ? 72  HOH A O     1 
HETATM 435 O  O     . HOH G 3 .  ? 14.635  -4.905  -4.493  1.00 1.00  ? 78  HOH A O     1 
HETATM 436 O  O     . HOH G 3 .  ? -10.228 -8.665  9.201   1.00 3.20  ? 80  HOH A O     1 
HETATM 437 O  O     . HOH G 3 .  ? -12.206 -11.574 20.132  1.00 5.71  ? 81  HOH A O     1 
HETATM 438 O  O     . HOH G 3 .  ? 14.442  2.013   2.027   1.00 13.66 ? 82  HOH A O     1 
HETATM 439 O  O     . HOH G 3 .  ? -7.251  -7.900  -4.259  1.00 14.82 ? 84  HOH A O     1 
HETATM 440 O  O     . HOH G 3 .  ? -1.028  -10.252 -6.839  1.00 22.51 ? 85  HOH A O     1 
HETATM 441 O  O     . HOH G 3 .  ? 11.112  4.143   -14.313 1.00 12.30 ? 86  HOH A O     1 
HETATM 442 O  O     . HOH G 3 .  ? -9.449  1.940   6.702   1.00 19.19 ? 87  HOH A O     1 
HETATM 443 O  O     . HOH G 3 .  ? -8.439  -18.097 4.045   1.00 9.73  ? 88  HOH A O     1 
HETATM 444 O  O     . HOH G 3 .  ? 11.019  6.367   -13.717 1.00 18.85 ? 90  HOH A O     1 
HETATM 445 O  O     . HOH G 3 .  ? -9.665  -13.307 7.508   1.00 9.90  ? 95  HOH A O     1 
HETATM 446 O  O     . HOH G 3 .  ? -10.476 -8.862  17.603  1.00 18.73 ? 97  HOH A O     1 
HETATM 447 O  O     . HOH G 3 .  ? 3.464   1.605   -10.802 1.00 9.57  ? 98  HOH A O     1 
HETATM 448 O  O     . HOH G 3 .  ? -12.292 -13.021 18.011  1.00 14.89 ? 101 HOH A O     1 
HETATM 449 O  O     . HOH G 3 .  ? -12.043 1.220   5.149   1.00 17.97 ? 103 HOH A O     1 
HETATM 450 O  O     . HOH G 3 .  ? -2.270  -0.311  7.648   1.00 18.09 ? 105 HOH A O     1 
HETATM 451 O  O     . HOH G 3 .  ? 19.700  -2.710  -6.300  1.00 16.18 ? 107 HOH A O     1 
HETATM 452 O  O     . HOH G 3 .  ? -3.824  -13.720 6.612   1.00 8.70  ? 109 HOH A O     1 
HETATM 453 O  O     . HOH G 3 .  ? -12.534 -2.415  4.754   1.00 22.76 ? 110 HOH A O     1 
HETATM 454 O  O     . HOH G 3 .  ? -3.813  -10.431 -6.049  1.00 20.59 ? 115 HOH A O     1 
HETATM 455 O  O     . HOH G 3 .  ? -4.024  -6.679  0.735   1.00 10.06 ? 116 HOH A O     1 
HETATM 456 O  O     . HOH G 3 .  ? 0.235   -7.765  -2.982  1.00 17.59 ? 119 HOH A O     1 
HETATM 457 O  O     . HOH G 3 .  ? 1.929   -9.562  -7.158  1.00 16.67 ? 120 HOH A O     1 
HETATM 458 O  O     . HOH G 3 .  ? -7.961  -1.100  8.978   1.00 20.88 ? 121 HOH A O     1 
HETATM 459 O  O     . HOH G 3 .  ? -12.556 -14.906 10.218  1.00 12.91 ? 122 HOH A O     1 
HETATM 460 O  O     . HOH G 3 .  ? -13.835 -9.976  17.221  1.00 19.14 ? 123 HOH A O     1 
HETATM 461 O  O     . HOH G 3 .  ? 0.672   2.689   -9.645  1.00 18.46 ? 125 HOH A O     1 
HETATM 462 O  O     . HOH G 3 .  ? -6.869  -2.730  10.581  1.00 17.33 ? 127 HOH A O     1 
HETATM 463 O  O     . HOH G 3 .  ? -5.543  -5.145  1.965   1.00 13.52 ? 130 HOH A O     1 
HETATM 464 O  O     . HOH G 3 .  ? -14.541 -15.608 7.531   1.00 15.48 ? 131 HOH A O     1 
HETATM 465 O  O     . HOH G 3 .  ? 2.938   -10.988 -2.782  1.00 16.97 ? 132 HOH A O     1 
HETATM 466 O  O     . HOH H 3 .  ? -1.717  11.799  -2.311  1.00 4.77  ? 23  HOH B O     1 
HETATM 467 O  O     . HOH H 3 .  ? 12.373  -1.212  4.502   1.00 10.36 ? 28  HOH B O     1 
HETATM 468 O  O     . HOH H 3 .  ? -4.193  12.236  -5.041  1.00 4.53  ? 29  HOH B O     1 
HETATM 469 O  O     . HOH H 3 .  ? -0.136  9.579   7.220   1.00 16.71 ? 30  HOH B O     1 
HETATM 470 O  O     . HOH H 3 .  ? 2.062   -1.219  2.476   1.00 17.37 ? 31  HOH B O     1 
HETATM 471 O  O     . HOH H 3 .  ? -9.475  12.170  -12.599 1.00 16.82 ? 35  HOH B O     1 
HETATM 472 O  O     . HOH H 3 .  ? 4.116   9.153   5.202   1.00 14.58 ? 40  HOH B O     1 
HETATM 473 O  O     . HOH H 3 .  ? 9.961   -8.509  -3.499  1.00 2.02  ? 42  HOH B O     1 
HETATM 474 O  O     . HOH H 3 .  ? -0.551  -0.985  4.183   1.00 18.45 ? 44  HOH B O     1 
HETATM 475 O  O     . HOH H 3 .  ? 0.571   -0.633  10.826  1.00 15.32 ? 45  HOH B O     1 
HETATM 476 O  O     . HOH H 3 .  ? 6.489   14.266  -2.210  1.00 10.19 ? 50  HOH B O     1 
HETATM 477 O  O     . HOH H 3 .  ? 8.710   0.872   6.427   1.00 22.83 ? 52  HOH B O     1 
HETATM 478 O  O     . HOH H 3 .  ? 2.985   4.116   2.000   1.00 4.57  ? 53  HOH B O     1 
HETATM 479 O  O     . HOH H 3 .  ? -12.361 11.644  -12.948 1.00 18.00 ? 57  HOH B O     1 
HETATM 480 O  O     . HOH H 3 .  ? 2.730   -0.027  6.587   1.00 23.11 ? 60  HOH B O     1 
HETATM 481 O  O     . HOH H 3 .  ? 8.591   -14.745 1.862   1.00 8.47  ? 61  HOH B O     1 
HETATM 482 O  O     . HOH H 3 .  ? 4.235   10.611  -5.193  1.00 1.44  ? 63  HOH B O     1 
HETATM 483 O  O     . HOH H 3 .  ? -9.025  5.992   -12.442 1.00 1.33  ? 64  HOH B O     1 
HETATM 484 O  O     . HOH H 3 .  ? 0.483   11.231  1.741   1.00 15.90 ? 65  HOH B O     1 
HETATM 485 O  O     . HOH H 3 .  ? 11.484  -7.932  4.796   1.00 18.18 ? 66  HOH B O     1 
HETATM 486 O  O     . HOH H 3 .  ? 2.867   2.373   8.154   1.00 12.34 ? 68  HOH B O     1 
HETATM 487 O  O     . HOH H 3 .  ? -7.392  14.624  -11.800 1.00 2.24  ? 69  HOH B O     1 
HETATM 488 O  O     . HOH H 3 .  ? 2.001   1.445   2.272   1.00 19.64 ? 73  HOH B O     1 
HETATM 489 O  O     . HOH H 3 .  ? 0.612   6.248   -10.719 1.00 18.53 ? 74  HOH B O     1 
HETATM 490 O  O     . HOH H 3 .  ? 7.095   -4.098  1.275   1.00 19.37 ? 75  HOH B O     1 
HETATM 491 O  O     . HOH H 3 .  ? -7.746  11.936  -5.608  1.00 1.00  ? 76  HOH B O     1 
HETATM 492 O  O     . HOH H 3 .  ? -14.395 5.494   -4.353  1.00 7.87  ? 77  HOH B O     1 
HETATM 493 O  O     . HOH H 3 .  ? 2.890   -9.262  0.503   1.00 12.44 ? 79  HOH B O     1 
HETATM 494 O  O     . HOH H 3 .  ? -14.632 14.153  -7.680  1.00 13.71 ? 83  HOH B O     1 
HETATM 495 O  O     . HOH H 3 .  ? -10.835 4.768   -13.532 1.00 11.10 ? 89  HOH B O     1 
HETATM 496 O  O     . HOH H 3 .  ? 4.043   6.950   -14.133 1.00 24.42 ? 91  HOH B O     1 
HETATM 497 O  O     . HOH H 3 .  ? -2.370  8.515   -9.673  1.00 12.28 ? 92  HOH B O     1 
HETATM 498 O  O     . HOH H 3 .  ? 3.028   1.431   10.301  1.00 2.98  ? 93  HOH B O     1 
HETATM 499 O  O     . HOH H 3 .  ? -14.512 7.237   -7.433  1.00 25.26 ? 94  HOH B O     1 
HETATM 500 O  O     . HOH H 3 .  ? -17.932 12.918  -7.531  1.00 20.04 ? 96  HOH B O     1 
HETATM 501 O  O     . HOH H 3 .  ? -7.596  15.281  -13.948 1.00 19.99 ? 99  HOH B O     1 
HETATM 502 O  O     . HOH H 3 .  ? 0.187   8.188   3.306   1.00 14.95 ? 100 HOH B O     1 
HETATM 503 O  O     . HOH H 3 .  ? 9.785   -3.246  7.678   1.00 10.91 ? 102 HOH B O     1 
HETATM 504 O  O     . HOH H 3 .  ? 11.999  -10.026 5.906   1.00 13.60 ? 104 HOH B O     1 
HETATM 505 O  O     . HOH H 3 .  ? 5.644   8.360   7.782   1.00 11.87 ? 106 HOH B O     1 
HETATM 506 O  O     . HOH H 3 .  ? 4.024   -11.323 0.661   1.00 17.79 ? 108 HOH B O     1 
HETATM 507 O  O     . HOH H 3 .  ? -2.394  5.927   -9.075  1.00 13.87 ? 111 HOH B O     1 
HETATM 508 O  O     . HOH H 3 .  ? 8.332   4.651   6.478   1.00 10.88 ? 112 HOH B O     1 
HETATM 509 O  O     . HOH H 3 .  ? 1.576   -2.531  6.121   1.00 20.61 ? 113 HOH B O     1 
HETATM 510 O  O     . HOH H 3 .  ? -11.061 11.005  -14.851 1.00 16.38 ? 114 HOH B O     1 
HETATM 511 O  O     . HOH H 3 .  ? -7.500  10.735  -13.428 1.00 16.17 ? 117 HOH B O     1 
HETATM 512 O  O     . HOH H 3 .  ? -15.165 7.363   -0.535  1.00 19.52 ? 118 HOH B O     1 
HETATM 513 O  O     . HOH H 3 .  ? 8.153   8.969   4.058   1.00 22.54 ? 124 HOH B O     1 
HETATM 514 O  O     . HOH H 3 .  ? -13.811 11.513  -11.105 1.00 13.09 ? 126 HOH B O     1 
HETATM 515 O  O     . HOH H 3 .  ? -4.570  6.370   -10.964 1.00 13.13 ? 128 HOH B O     1 
HETATM 516 O  O     . HOH H 3 .  ? 7.637   7.207   -2.640  1.00 24.87 ? 129 HOH B O     1 
# 
